data_4YDV
#
_entry.id   4YDV
#
_cell.length_a   73.434
_cell.length_b   76.281
_cell.length_c   127.627
_cell.angle_alpha   90.00
_cell.angle_beta   98.06
_cell.angle_gamma   90.00
#
_symmetry.space_group_name_H-M   'P 1 21 1'
#
loop_
_entity.id
_entity.type
_entity.pdbx_description
1 polymer 'HIV GP41 PEPTIDE GP41(596-606)'
2 polymer 'HIV ANTIBODY 7B2 LIGHT CHAIN,Ig kappa chain C region'
3 polymer 'HIV ANTIBODY 7B2 HEAVY CHAIN,IgG H chain'
4 water water
#
loop_
_entity_poly.entity_id
_entity_poly.type
_entity_poly.pdbx_seq_one_letter_code
_entity_poly.pdbx_strand_id
1 'polypeptide(L)' (ACE)WGCSGKLICTT(NH2) P,Q
2 'polypeptide(L)'
;METDTLLLWVLLLWVPGSTGDDIQMTQSPASLAVPLLLWISGAYGDIVLAQSPDSLAVSPGERATIHCKSSQTLLYSSNN
RHSIAWYQQRPGQPPKLLLYWASMRLSGVPDRFSGSGSGTDFTLTINNLQAEDVAIYYCHQYSSHPPTFGHGTRVELRRT
VAAPSVFIFPPSDEQLKSGTASVVCLLNNFYPREAKVQWKVDNALQSGNSQESVTEQDSKDSTYSLSSTLTLSKADYEKH
KVYACEVTHQGLSSPVTKSFNRGEC
;
L,A
3 'polypeptide(L)'
;METDTLLLWVLLLWVPGSTGDQVQLVQSGGGVFKPGGSLRLSCEASGFTFTEYYMTWVRQAPGKGLEWLAYISKNGEYSK
YSPSSNGRFTISRDNAKNSVFLQLDRLSADDTAVYYCARADGLTYFSELLQYIFDLWGQGARVTVSSASTKGPSVFPLAP
SSKSTSGGTAALGCLVKDYFPEPVTVSWNSGALTSGVHTFPAVLQSSGLYSLSSVVTVPSSSLGTQTYICNVNHKPSNTK
VDKRVEPKSCDK
;
H,B
#
# COMPACT_ATOMS: atom_id res chain seq x y z
N TRP A 2 -4.12 10.27 9.89
CA TRP A 2 -3.77 10.03 8.54
C TRP A 2 -4.93 10.21 7.62
N GLY A 3 -4.63 10.57 6.39
CA GLY A 3 -5.62 10.80 5.35
C GLY A 3 -5.03 10.66 3.96
N CYS A 4 -5.83 10.93 2.93
CA CYS A 4 -5.38 10.79 1.55
C CYS A 4 -5.54 12.06 0.74
N SER A 5 -4.58 12.28 -0.14
CA SER A 5 -4.78 13.21 -1.24
C SER A 5 -4.96 12.34 -2.48
N GLY A 6 -6.19 12.23 -2.96
CA GLY A 6 -6.48 11.34 -4.05
C GLY A 6 -6.70 9.91 -3.56
N LYS A 7 -6.05 8.94 -4.21
CA LYS A 7 -6.27 7.55 -3.83
C LYS A 7 -5.17 6.58 -4.21
N LEU A 8 -4.42 6.89 -5.26
CA LEU A 8 -3.39 5.96 -5.71
C LEU A 8 -2.47 5.53 -4.57
N ILE A 9 -1.82 6.48 -3.92
CA ILE A 9 -0.87 6.16 -2.84
C ILE A 9 -1.56 5.47 -1.66
N CYS A 10 -2.76 5.92 -1.33
CA CYS A 10 -3.51 5.34 -0.22
C CYS A 10 -3.98 3.91 -0.48
N THR A 11 -4.47 3.66 -1.69
CA THR A 11 -5.06 2.37 -2.01
C THR A 11 -4.05 1.43 -2.69
N THR A 12 -2.77 1.77 -2.59
CA THR A 12 -1.69 0.85 -2.92
C THR A 12 -0.52 1.02 -1.99
N TRP B 2 -11.19 9.65 -0.22
CA TRP B 2 -10.56 8.62 0.53
C TRP B 2 -9.94 9.13 1.78
N GLY B 3 -9.78 8.23 2.76
CA GLY B 3 -9.19 8.59 4.03
C GLY B 3 -8.71 7.33 4.73
N CYS B 4 -8.28 7.46 5.99
CA CYS B 4 -7.75 6.32 6.73
C CYS B 4 -8.42 6.14 8.07
N SER B 5 -8.51 4.89 8.48
CA SER B 5 -8.77 4.57 9.85
C SER B 5 -7.44 4.02 10.34
N GLY B 6 -6.79 4.72 11.26
CA GLY B 6 -5.46 4.32 11.69
C GLY B 6 -4.42 4.70 10.65
N LYS B 7 -3.54 3.75 10.35
CA LYS B 7 -2.42 4.05 9.47
C LYS B 7 -1.87 2.81 8.75
N LEU B 8 -2.04 1.65 9.37
CA LEU B 8 -1.43 0.44 8.81
C LEU B 8 -1.82 0.19 7.34
N ILE B 9 -3.12 0.14 7.07
CA ILE B 9 -3.57 -0.11 5.69
C ILE B 9 -3.21 1.01 4.71
N CYS B 10 -3.29 2.26 5.18
CA CYS B 10 -2.96 3.43 4.36
C CYS B 10 -1.48 3.52 3.98
N THR B 11 -0.62 3.21 4.95
CA THR B 11 0.79 3.45 4.75
C THR B 11 1.51 2.17 4.32
N THR B 12 0.74 1.11 4.07
CA THR B 12 1.26 -0.09 3.47
C THR B 12 0.34 -0.52 2.36
N ILE C 47 19.91 13.91 0.10
CA ILE C 47 19.33 12.83 -0.69
C ILE C 47 19.35 13.15 -2.19
N VAL C 48 20.37 12.67 -2.88
CA VAL C 48 20.50 12.88 -4.32
C VAL C 48 19.97 11.69 -5.12
N LEU C 49 19.68 11.92 -6.40
CA LEU C 49 19.38 10.84 -7.33
C LEU C 49 20.30 10.88 -8.54
N ALA C 50 21.34 10.06 -8.52
CA ALA C 50 22.19 9.91 -9.68
C ALA C 50 21.46 9.06 -10.73
N GLN C 51 21.12 9.67 -11.86
CA GLN C 51 20.43 8.95 -12.91
C GLN C 51 21.39 8.68 -14.06
N SER C 52 21.32 7.49 -14.67
CA SER C 52 22.25 7.15 -15.75
C SER C 52 21.70 6.10 -16.73
N PRO C 53 22.15 6.14 -17.99
CA PRO C 53 23.06 7.13 -18.57
C PRO C 53 22.34 8.44 -18.83
N ASP C 54 23.09 9.50 -19.09
CA ASP C 54 22.52 10.81 -19.37
C ASP C 54 21.78 10.76 -20.70
N SER C 55 22.39 10.08 -21.66
CA SER C 55 21.80 9.90 -22.98
C SER C 55 21.85 8.40 -23.32
N LEU C 56 20.97 7.98 -24.21
CA LEU C 56 20.85 6.56 -24.53
C LEU C 56 20.27 6.38 -25.93
N ALA C 57 21.05 5.81 -26.83
CA ALA C 57 20.56 5.57 -28.19
C ALA C 57 20.00 4.16 -28.30
N VAL C 58 18.81 4.03 -28.88
CA VAL C 58 18.13 2.75 -28.99
C VAL C 58 17.45 2.61 -30.35
N SER C 59 17.52 1.42 -30.93
CA SER C 59 16.83 1.14 -32.18
C SER C 59 15.38 0.79 -31.90
N PRO C 60 14.47 1.11 -32.83
CA PRO C 60 13.06 0.77 -32.63
C PRO C 60 12.86 -0.74 -32.55
N GLY C 61 12.04 -1.18 -31.60
CA GLY C 61 11.83 -2.60 -31.36
C GLY C 61 12.76 -3.14 -30.31
N GLU C 62 13.84 -2.41 -30.04
CA GLU C 62 14.83 -2.84 -29.06
C GLU C 62 14.51 -2.37 -27.65
N ARG C 63 15.46 -2.58 -26.75
CA ARG C 63 15.23 -2.37 -25.32
C ARG C 63 16.04 -1.21 -24.75
N ALA C 64 15.34 -0.31 -24.07
CA ALA C 64 15.96 0.83 -23.41
C ALA C 64 16.03 0.58 -21.92
N THR C 65 17.19 0.87 -21.32
CA THR C 65 17.36 0.60 -19.90
C THR C 65 17.96 1.78 -19.15
N ILE C 66 17.14 2.37 -18.28
CA ILE C 66 17.50 3.57 -17.53
C ILE C 66 17.67 3.25 -16.05
N HIS C 67 18.73 3.78 -15.45
CA HIS C 67 19.04 3.49 -14.06
C HIS C 67 18.84 4.71 -13.16
N CYS C 68 18.56 4.44 -11.89
CA CYS C 68 18.35 5.48 -10.90
C CYS C 68 18.84 5.01 -9.53
N LYS C 69 19.87 5.68 -9.02
CA LYS C 69 20.42 5.35 -7.71
C LYS C 69 20.29 6.53 -6.74
N SER C 70 19.90 6.24 -5.51
CA SER C 70 19.75 7.27 -4.49
C SER C 70 20.86 7.18 -3.46
N SER C 71 21.07 8.27 -2.72
CA SER C 71 22.00 8.25 -1.61
C SER C 71 21.35 7.59 -0.39
N GLN C 72 20.03 7.56 -0.38
CA GLN C 72 19.27 6.85 0.65
C GLN C 72 17.81 6.68 0.25
N HIS C 82 8.98 1.02 -1.56
CA HIS C 82 9.85 1.57 -2.61
C HIS C 82 9.28 2.83 -3.28
N SER C 83 9.59 3.99 -2.72
CA SER C 83 8.98 5.23 -3.18
C SER C 83 9.68 5.86 -4.36
N ILE C 84 9.60 5.20 -5.51
CA ILE C 84 10.20 5.71 -6.75
C ILE C 84 9.13 5.86 -7.81
N ALA C 85 9.16 6.99 -8.52
CA ALA C 85 8.21 7.25 -9.60
C ALA C 85 8.97 7.58 -10.88
N TRP C 86 8.41 7.23 -12.02
CA TRP C 86 9.05 7.57 -13.30
C TRP C 86 8.18 8.47 -14.16
N TYR C 87 8.79 9.51 -14.73
CA TYR C 87 8.06 10.45 -15.59
C TYR C 87 8.63 10.54 -17.00
N GLN C 88 7.72 10.73 -17.98
CA GLN C 88 8.09 10.87 -19.37
C GLN C 88 7.81 12.31 -19.85
N GLN C 89 8.79 12.94 -20.47
CA GLN C 89 8.59 14.25 -21.04
C GLN C 89 9.09 14.34 -22.46
N ARG C 90 8.17 14.38 -23.41
CA ARG C 90 8.53 14.57 -24.81
C ARG C 90 8.85 16.05 -25.07
N PRO C 91 9.66 16.32 -26.10
CA PRO C 91 10.02 17.71 -26.42
C PRO C 91 8.83 18.67 -26.47
N GLY C 92 8.92 19.75 -25.69
CA GLY C 92 7.90 20.79 -25.69
C GLY C 92 6.60 20.36 -25.02
N GLN C 93 6.67 19.33 -24.18
CA GLN C 93 5.48 18.75 -23.58
C GLN C 93 5.62 18.74 -22.07
N PRO C 94 4.49 18.66 -21.35
CA PRO C 94 4.56 18.51 -19.90
C PRO C 94 4.92 17.09 -19.55
N PRO C 95 5.48 16.88 -18.35
CA PRO C 95 5.76 15.55 -17.82
C PRO C 95 4.47 14.72 -17.65
N LYS C 96 4.62 13.41 -17.76
CA LYS C 96 3.50 12.50 -17.64
C LYS C 96 3.96 11.35 -16.75
N LEU C 97 3.13 10.97 -15.78
CA LEU C 97 3.48 9.89 -14.87
C LEU C 97 3.31 8.53 -15.56
N LEU C 98 4.30 7.66 -15.38
CA LEU C 98 4.25 6.32 -15.95
C LEU C 98 4.17 5.25 -14.88
N LEU C 99 5.10 5.32 -13.93
CA LEU C 99 5.21 4.30 -12.88
C LEU C 99 5.38 4.93 -11.51
N TYR C 100 4.81 4.27 -10.50
CA TYR C 100 5.02 4.64 -9.10
C TYR C 100 5.16 3.36 -8.29
N TRP C 101 5.62 3.48 -7.03
CA TRP C 101 6.05 2.32 -6.24
C TRP C 101 7.08 1.52 -7.02
N ALA C 102 7.87 2.22 -7.83
CA ALA C 102 8.91 1.62 -8.65
C ALA C 102 8.44 0.77 -9.82
N SER C 103 7.34 0.03 -9.63
CA SER C 103 6.98 -1.00 -10.61
C SER C 103 5.53 -0.98 -11.07
N MET C 104 4.72 -0.13 -10.46
CA MET C 104 3.30 -0.10 -10.79
C MET C 104 3.00 0.95 -11.85
N ARG C 105 2.55 0.50 -13.02
CA ARG C 105 2.23 1.44 -14.09
C ARG C 105 0.90 2.15 -13.81
N LEU C 106 0.83 3.41 -14.19
CA LEU C 106 -0.42 4.14 -14.10
C LEU C 106 -1.36 3.58 -15.17
N SER C 107 -2.66 3.65 -14.93
CA SER C 107 -3.64 3.21 -15.92
C SER C 107 -3.43 3.93 -17.26
N GLY C 108 -3.41 3.15 -18.34
CA GLY C 108 -3.25 3.70 -19.67
C GLY C 108 -1.83 3.56 -20.22
N VAL C 109 -0.85 3.44 -19.35
CA VAL C 109 0.54 3.25 -19.77
C VAL C 109 0.73 1.85 -20.35
N PRO C 110 1.25 1.76 -21.58
CA PRO C 110 1.39 0.49 -22.29
C PRO C 110 2.26 -0.52 -21.56
N ASP C 111 2.04 -1.80 -21.81
CA ASP C 111 2.71 -2.88 -21.08
C ASP C 111 4.21 -2.94 -21.31
N ARG C 112 4.68 -2.32 -22.38
CA ARG C 112 6.10 -2.35 -22.70
C ARG C 112 6.93 -1.52 -21.72
N PHE C 113 6.26 -0.71 -20.90
CA PHE C 113 6.93 0.01 -19.82
C PHE C 113 6.87 -0.79 -18.52
N SER C 114 8.03 -1.08 -17.95
CA SER C 114 8.10 -1.83 -16.71
C SER C 114 9.16 -1.22 -15.81
N GLY C 115 8.90 -1.26 -14.51
CA GLY C 115 9.87 -0.74 -13.56
C GLY C 115 10.26 -1.82 -12.60
N SER C 116 11.48 -1.75 -12.11
CA SER C 116 11.96 -2.65 -11.08
C SER C 116 12.98 -1.90 -10.23
N GLY C 117 13.48 -2.55 -9.19
CA GLY C 117 14.47 -1.90 -8.35
C GLY C 117 14.57 -2.45 -6.94
N SER C 118 15.79 -2.83 -6.57
CA SER C 118 16.04 -3.40 -5.24
C SER C 118 16.70 -2.41 -4.29
N GLY C 119 15.88 -1.80 -3.43
CA GLY C 119 16.37 -0.99 -2.32
C GLY C 119 16.92 0.38 -2.68
N THR C 120 18.07 0.39 -3.35
CA THR C 120 18.79 1.63 -3.60
C THR C 120 18.99 1.91 -5.09
N ASP C 121 18.90 0.86 -5.91
CA ASP C 121 19.05 1.00 -7.36
C ASP C 121 17.76 0.64 -8.07
N PHE C 122 17.32 1.49 -8.99
CA PHE C 122 16.04 1.31 -9.68
C PHE C 122 16.15 1.42 -11.19
N THR C 123 15.33 0.64 -11.88
CA THR C 123 15.43 0.54 -13.32
C THR C 123 14.11 0.77 -14.03
N LEU C 124 14.16 1.57 -15.08
CA LEU C 124 13.03 1.70 -15.99
C LEU C 124 13.39 0.99 -17.28
N THR C 125 12.48 0.17 -17.75
CA THR C 125 12.74 -0.63 -18.94
C THR C 125 11.65 -0.38 -19.98
N ILE C 126 12.09 -0.05 -21.19
CA ILE C 126 11.17 0.12 -22.30
C ILE C 126 11.46 -0.94 -23.35
N ASN C 127 10.53 -1.88 -23.51
CA ASN C 127 10.68 -2.91 -24.54
C ASN C 127 9.94 -2.52 -25.81
N ASN C 128 10.32 -3.15 -26.92
CA ASN C 128 9.71 -2.88 -28.21
C ASN C 128 9.59 -1.38 -28.47
N LEU C 129 10.72 -0.67 -28.38
CA LEU C 129 10.74 0.78 -28.43
C LEU C 129 9.97 1.35 -29.62
N GLN C 130 9.17 2.38 -29.34
CA GLN C 130 8.37 3.05 -30.36
C GLN C 130 8.94 4.44 -30.58
N ALA C 131 8.48 5.11 -31.63
CA ALA C 131 8.96 6.46 -31.96
C ALA C 131 8.45 7.47 -30.93
N GLU C 132 7.27 7.22 -30.39
CA GLU C 132 6.69 8.13 -29.42
C GLU C 132 7.37 7.99 -28.06
N ASP C 133 8.36 7.12 -27.97
CA ASP C 133 9.07 6.85 -26.71
C ASP C 133 10.32 7.71 -26.57
N VAL C 134 10.72 8.36 -27.66
CA VAL C 134 11.80 9.33 -27.62
C VAL C 134 11.42 10.55 -26.75
N ALA C 135 12.04 10.63 -25.58
CA ALA C 135 11.70 11.65 -24.60
C ALA C 135 12.77 11.69 -23.53
N ILE C 136 12.63 12.61 -22.58
CA ILE C 136 13.47 12.60 -21.39
C ILE C 136 12.71 11.89 -20.27
N TYR C 137 13.40 11.00 -19.54
CA TYR C 137 12.77 10.25 -18.46
C TYR C 137 13.32 10.66 -17.10
N TYR C 138 12.43 10.94 -16.16
CA TYR C 138 12.84 11.36 -14.83
C TYR C 138 12.44 10.36 -13.76
N CYS C 139 13.38 9.98 -12.91
CA CYS C 139 13.01 9.21 -11.72
C CYS C 139 12.78 10.19 -10.57
N HIS C 140 11.86 9.83 -9.69
CA HIS C 140 11.43 10.69 -8.61
C HIS C 140 11.42 9.93 -7.28
N GLN C 141 12.15 10.41 -6.29
CA GLN C 141 12.09 9.79 -4.96
C GLN C 141 11.12 10.58 -4.07
N TYR C 142 10.03 9.93 -3.66
CA TYR C 142 9.05 10.65 -2.91
C TYR C 142 8.94 10.25 -1.46
N SER C 143 9.98 9.62 -0.92
CA SER C 143 9.98 9.33 0.51
C SER C 143 10.96 10.23 1.26
N SER C 144 11.71 11.04 0.52
CA SER C 144 12.65 11.98 1.12
C SER C 144 12.01 13.37 1.24
N HIS C 145 12.55 14.20 2.14
CA HIS C 145 12.06 15.56 2.31
C HIS C 145 13.16 16.61 2.10
N PRO C 146 13.00 17.46 1.07
CA PRO C 146 11.86 17.47 0.15
C PRO C 146 11.98 16.38 -0.94
N PRO C 147 10.91 16.16 -1.70
CA PRO C 147 11.04 15.19 -2.80
C PRO C 147 12.07 15.67 -3.81
N THR C 148 12.77 14.74 -4.46
CA THR C 148 13.77 15.09 -5.47
C THR C 148 13.58 14.32 -6.77
N PHE C 149 14.11 14.87 -7.85
CA PHE C 149 14.11 14.21 -9.15
C PHE C 149 15.54 13.96 -9.57
N GLY C 150 15.73 13.01 -10.48
CA GLY C 150 17.01 12.86 -11.13
C GLY C 150 17.12 13.94 -12.19
N HIS C 151 18.29 14.12 -12.76
CA HIS C 151 18.44 15.13 -13.80
C HIS C 151 17.98 14.61 -15.16
N GLY C 152 17.57 13.34 -15.20
CA GLY C 152 16.92 12.80 -16.38
C GLY C 152 17.81 12.01 -17.33
N THR C 153 17.16 11.29 -18.24
CA THR C 153 17.85 10.49 -19.22
C THR C 153 17.20 10.68 -20.59
N ARG C 154 17.96 11.23 -21.53
CA ARG C 154 17.49 11.38 -22.90
C ARG C 154 17.53 10.05 -23.63
N VAL C 155 16.41 9.67 -24.24
CA VAL C 155 16.35 8.48 -25.07
C VAL C 155 16.17 8.91 -26.52
N GLU C 156 17.21 8.72 -27.33
CA GLU C 156 17.17 9.06 -28.74
C GLU C 156 17.15 7.78 -29.58
N LEU C 157 16.83 7.92 -30.87
CA LEU C 157 16.88 6.78 -31.78
C LEU C 157 18.30 6.51 -32.26
N ARG C 158 18.60 5.23 -32.49
CA ARG C 158 19.91 4.84 -32.99
C ARG C 158 19.87 4.68 -34.51
N ARG C 159 20.91 5.17 -35.18
CA ARG C 159 21.04 5.03 -36.62
C ARG C 159 22.50 4.77 -36.96
N THR C 160 22.80 4.53 -38.23
CA THR C 160 24.19 4.35 -38.66
C THR C 160 24.93 5.67 -38.54
N VAL C 161 26.24 5.59 -38.27
CA VAL C 161 27.06 6.79 -38.14
C VAL C 161 27.01 7.61 -39.43
N ALA C 162 26.75 8.90 -39.31
CA ALA C 162 26.74 9.78 -40.47
C ALA C 162 27.62 11.00 -40.24
N ALA C 163 28.42 11.34 -41.24
CA ALA C 163 29.33 12.47 -41.13
C ALA C 163 28.62 13.76 -41.50
N PRO C 164 28.99 14.87 -40.86
CA PRO C 164 28.37 16.17 -41.13
C PRO C 164 28.82 16.76 -42.47
N SER C 165 27.87 17.23 -43.27
CA SER C 165 28.20 18.03 -44.44
C SER C 165 28.45 19.45 -43.95
N VAL C 166 29.70 19.89 -43.98
CA VAL C 166 30.06 21.17 -43.36
C VAL C 166 30.05 22.34 -44.33
N PHE C 167 29.37 23.41 -43.94
CA PHE C 167 29.29 24.64 -44.73
C PHE C 167 29.76 25.84 -43.92
N ILE C 168 30.30 26.83 -44.60
CA ILE C 168 30.81 28.03 -43.97
C ILE C 168 30.11 29.26 -44.56
N PHE C 169 29.80 30.22 -43.71
CA PHE C 169 28.99 31.36 -44.14
C PHE C 169 29.60 32.68 -43.73
N PRO C 170 30.03 33.47 -44.72
CA PRO C 170 30.60 34.80 -44.45
C PRO C 170 29.51 35.75 -43.98
N PRO C 171 29.87 36.76 -43.17
CA PRO C 171 28.87 37.72 -42.71
C PRO C 171 28.43 38.58 -43.87
N SER C 172 27.12 38.80 -43.97
CA SER C 172 26.55 39.62 -45.03
C SER C 172 27.12 41.04 -45.02
N ASP C 173 27.14 41.68 -46.19
CA ASP C 173 27.52 43.08 -46.24
C ASP C 173 26.44 43.92 -45.58
N GLU C 174 25.22 43.40 -45.56
CA GLU C 174 24.13 44.12 -44.93
C GLU C 174 24.33 44.22 -43.43
N GLN C 175 24.96 43.21 -42.84
CA GLN C 175 25.16 43.20 -41.40
C GLN C 175 26.33 44.09 -40.99
N LEU C 176 27.37 44.12 -41.80
CA LEU C 176 28.57 44.89 -41.49
C LEU C 176 28.25 46.37 -41.28
N LYS C 177 27.23 46.86 -41.99
CA LYS C 177 26.80 48.25 -41.83
C LYS C 177 26.39 48.55 -40.39
N SER C 178 25.83 47.55 -39.72
CA SER C 178 25.33 47.71 -38.35
C SER C 178 26.48 47.80 -37.35
N GLY C 179 27.64 47.25 -37.70
CA GLY C 179 28.80 47.34 -36.85
C GLY C 179 29.31 46.03 -36.27
N THR C 180 28.53 44.98 -36.40
CA THR C 180 28.98 43.67 -35.91
C THR C 180 29.08 42.64 -37.04
N ALA C 181 29.89 41.61 -36.82
CA ALA C 181 30.13 40.60 -37.85
C ALA C 181 29.86 39.20 -37.33
N SER C 182 28.90 38.52 -37.94
CA SER C 182 28.59 37.14 -37.57
C SER C 182 29.01 36.12 -38.64
N VAL C 183 29.98 35.29 -38.30
CA VAL C 183 30.39 34.20 -39.18
C VAL C 183 29.75 32.91 -38.70
N VAL C 184 29.09 32.21 -39.61
CA VAL C 184 28.30 31.05 -39.24
C VAL C 184 28.85 29.78 -39.88
N CYS C 185 28.98 28.73 -39.06
CA CYS C 185 29.43 27.43 -39.53
C CYS C 185 28.26 26.46 -39.36
N LEU C 186 27.95 25.72 -40.42
CA LEU C 186 26.84 24.78 -40.37
C LEU C 186 27.31 23.34 -40.47
N LEU C 187 26.86 22.50 -39.55
CA LEU C 187 27.11 21.06 -39.64
C LEU C 187 25.77 20.39 -39.92
N ASN C 188 25.60 19.88 -41.14
CA ASN C 188 24.28 19.36 -41.52
C ASN C 188 24.15 17.84 -41.47
N ASN C 189 23.02 17.38 -40.95
CA ASN C 189 22.63 15.97 -40.95
C ASN C 189 23.72 14.97 -40.59
N PHE C 190 24.13 14.95 -39.32
CA PHE C 190 25.15 14.03 -38.87
C PHE C 190 24.65 13.16 -37.74
N TYR C 191 25.47 12.19 -37.34
CA TYR C 191 25.18 11.30 -36.22
C TYR C 191 26.45 10.54 -35.80
N PRO C 192 26.65 10.36 -34.48
CA PRO C 192 25.81 10.76 -33.34
C PRO C 192 25.88 12.26 -33.04
N ARG C 193 25.16 12.69 -32.01
CA ARG C 193 25.04 14.11 -31.69
C ARG C 193 26.37 14.75 -31.30
N GLU C 194 27.25 13.95 -30.71
CA GLU C 194 28.52 14.46 -30.20
C GLU C 194 29.42 14.91 -31.34
N ALA C 195 29.85 16.18 -31.29
CA ALA C 195 30.68 16.77 -32.31
C ALA C 195 31.33 18.04 -31.76
N LYS C 196 32.49 18.41 -32.28
CA LYS C 196 33.14 19.65 -31.83
C LYS C 196 33.65 20.54 -32.96
N VAL C 197 33.60 21.85 -32.71
CA VAL C 197 33.91 22.85 -33.74
C VAL C 197 34.91 23.89 -33.25
N GLN C 198 36.01 24.05 -33.98
CA GLN C 198 37.03 25.03 -33.63
C GLN C 198 37.06 26.20 -34.60
N TRP C 199 37.11 27.42 -34.07
CA TRP C 199 37.22 28.61 -34.89
C TRP C 199 38.65 29.15 -34.91
N LYS C 200 39.13 29.48 -36.10
CA LYS C 200 40.47 30.07 -36.26
C LYS C 200 40.48 31.22 -37.27
N VAL C 201 41.02 32.35 -36.84
CA VAL C 201 41.13 33.55 -37.68
C VAL C 201 42.60 33.91 -37.85
N ASP C 202 43.07 33.86 -39.10
CA ASP C 202 44.49 33.94 -39.42
C ASP C 202 45.27 32.86 -38.67
N ASN C 203 44.71 31.66 -38.66
CA ASN C 203 45.31 30.48 -38.03
C ASN C 203 45.41 30.57 -36.51
N ALA C 204 44.83 31.63 -35.94
CA ALA C 204 44.85 31.84 -34.50
C ALA C 204 43.56 31.36 -33.86
N LEU C 205 43.69 30.41 -32.93
CA LEU C 205 42.54 29.81 -32.27
C LEU C 205 41.70 30.82 -31.47
N GLN C 206 40.38 30.74 -31.64
CA GLN C 206 39.45 31.61 -30.95
C GLN C 206 38.70 30.82 -29.88
N SER C 207 38.31 31.50 -28.80
CA SER C 207 37.47 30.87 -27.77
C SER C 207 36.68 31.91 -26.98
N GLY C 208 35.49 31.52 -26.53
CA GLY C 208 34.65 32.37 -25.72
C GLY C 208 34.02 33.49 -26.51
N ASN C 209 33.95 33.31 -27.82
CA ASN C 209 33.35 34.31 -28.70
C ASN C 209 32.47 33.63 -29.75
N SER C 210 32.08 32.40 -29.47
CA SER C 210 31.26 31.62 -30.38
C SER C 210 30.20 30.83 -29.63
N GLN C 211 28.94 31.08 -29.97
CA GLN C 211 27.84 30.30 -29.40
C GLN C 211 27.47 29.16 -30.35
N GLU C 212 27.14 28.01 -29.76
CA GLU C 212 26.68 26.87 -30.53
C GLU C 212 25.20 26.66 -30.32
N SER C 213 24.61 25.79 -31.13
CA SER C 213 23.19 25.48 -31.03
C SER C 213 22.89 24.28 -31.91
N VAL C 214 22.14 23.31 -31.38
CA VAL C 214 21.89 22.08 -32.10
C VAL C 214 20.41 21.70 -32.11
N THR C 215 19.95 21.15 -33.22
CA THR C 215 18.55 20.78 -33.40
C THR C 215 18.13 19.51 -32.66
N GLU C 216 16.82 19.33 -32.53
CA GLU C 216 16.28 18.08 -32.02
C GLU C 216 16.59 17.02 -33.06
N GLN C 217 16.61 15.76 -32.64
CA GLN C 217 16.87 14.66 -33.56
C GLN C 217 15.83 14.67 -34.66
N ASP C 218 16.31 14.61 -35.89
CA ASP C 218 15.45 14.75 -37.06
C ASP C 218 14.40 13.64 -37.13
N SER C 219 13.16 14.04 -37.39
CA SER C 219 12.04 13.09 -37.46
C SER C 219 12.17 12.17 -38.68
N LYS C 220 12.83 12.68 -39.72
CA LYS C 220 12.92 11.97 -41.00
C LYS C 220 14.03 10.94 -41.00
N ASP C 221 15.26 11.36 -40.70
CA ASP C 221 16.42 10.49 -40.84
C ASP C 221 17.21 10.27 -39.55
N SER C 222 16.67 10.71 -38.43
CA SER C 222 17.30 10.54 -37.12
C SER C 222 18.69 11.18 -37.00
N THR C 223 18.95 12.21 -37.79
CA THR C 223 20.22 12.94 -37.70
C THR C 223 20.10 14.24 -36.91
N TYR C 224 21.25 14.82 -36.59
CA TYR C 224 21.29 16.11 -35.90
C TYR C 224 21.92 17.14 -36.80
N SER C 225 21.67 18.42 -36.53
CA SER C 225 22.42 19.48 -37.20
C SER C 225 22.90 20.49 -36.16
N LEU C 226 24.03 21.12 -36.42
CA LEU C 226 24.61 22.06 -35.47
C LEU C 226 25.00 23.36 -36.16
N SER C 227 24.90 24.48 -35.44
CA SER C 227 25.39 25.76 -35.95
C SER C 227 26.33 26.38 -34.94
N SER C 228 27.46 26.90 -35.43
CA SER C 228 28.35 27.65 -34.58
C SER C 228 28.41 29.07 -35.11
N THR C 229 28.19 30.05 -34.23
CA THR C 229 28.19 31.44 -34.65
C THR C 229 29.30 32.23 -33.97
N LEU C 230 30.29 32.61 -34.77
CA LEU C 230 31.38 33.44 -34.30
C LEU C 230 31.00 34.90 -34.49
N THR C 231 31.08 35.68 -33.42
CA THR C 231 30.71 37.09 -33.48
C THR C 231 31.91 37.98 -33.17
N LEU C 232 32.21 38.88 -34.12
CA LEU C 232 33.31 39.84 -33.95
C LEU C 232 32.80 41.25 -34.21
N SER C 233 33.55 42.24 -33.76
CA SER C 233 33.24 43.63 -34.11
C SER C 233 33.59 43.83 -35.57
N LYS C 234 33.08 44.89 -36.18
CA LYS C 234 33.43 45.20 -37.57
C LYS C 234 34.92 45.48 -37.66
N ALA C 235 35.44 46.19 -36.66
CA ALA C 235 36.85 46.51 -36.56
C ALA C 235 37.70 45.24 -36.59
N ASP C 236 37.36 44.29 -35.73
CA ASP C 236 38.12 43.05 -35.63
C ASP C 236 38.01 42.18 -36.88
N TYR C 237 36.95 42.39 -37.65
CA TYR C 237 36.73 41.59 -38.85
C TYR C 237 37.51 42.15 -40.06
N GLU C 238 37.59 43.47 -40.14
CA GLU C 238 38.26 44.12 -41.26
C GLU C 238 39.79 44.05 -41.16
N LYS C 239 40.29 43.80 -39.95
CA LYS C 239 41.73 43.69 -39.72
C LYS C 239 42.20 42.24 -39.79
N HIS C 240 41.38 41.39 -40.40
CA HIS C 240 41.74 39.99 -40.61
C HIS C 240 41.26 39.51 -41.98
N LYS C 241 41.84 38.42 -42.46
CA LYS C 241 41.64 38.01 -43.83
C LYS C 241 40.97 36.63 -43.97
N VAL C 242 41.64 35.61 -43.42
CA VAL C 242 41.21 34.23 -43.60
C VAL C 242 40.45 33.68 -42.39
N TYR C 243 39.24 33.20 -42.64
CA TYR C 243 38.37 32.69 -41.59
C TYR C 243 38.05 31.23 -41.88
N ALA C 244 38.17 30.37 -40.85
CA ALA C 244 37.92 28.94 -41.04
C ALA C 244 37.37 28.30 -39.78
N CYS C 245 36.46 27.36 -39.97
CA CYS C 245 35.98 26.53 -38.87
C CYS C 245 36.43 25.09 -39.10
N GLU C 246 36.86 24.43 -38.03
CA GLU C 246 37.37 23.07 -38.13
C GLU C 246 36.53 22.09 -37.32
N VAL C 247 36.06 21.05 -37.98
CA VAL C 247 35.08 20.13 -37.41
C VAL C 247 35.66 18.74 -37.18
N THR C 248 35.41 18.18 -35.99
CA THR C 248 35.76 16.79 -35.71
C THR C 248 34.50 15.99 -35.37
N HIS C 249 34.51 14.71 -35.70
CA HIS C 249 33.33 13.85 -35.55
C HIS C 249 33.71 12.39 -35.84
N GLN C 250 32.90 11.45 -35.36
CA GLN C 250 33.14 10.03 -35.59
C GLN C 250 33.18 9.67 -37.07
N GLY C 251 32.26 10.25 -37.85
CA GLY C 251 32.17 9.94 -39.27
C GLY C 251 33.30 10.54 -40.08
N LEU C 252 34.21 11.24 -39.42
CA LEU C 252 35.34 11.87 -40.09
C LEU C 252 36.65 11.20 -39.71
N SER C 253 37.47 10.88 -40.71
CA SER C 253 38.77 10.25 -40.47
C SER C 253 39.84 11.30 -40.17
N SER C 254 39.48 12.56 -40.36
CA SER C 254 40.36 13.69 -40.09
C SER C 254 39.53 14.97 -40.03
N PRO C 255 39.99 15.97 -39.25
CA PRO C 255 39.27 17.24 -39.06
C PRO C 255 39.01 17.99 -40.36
N VAL C 256 37.73 18.22 -40.67
CA VAL C 256 37.34 18.96 -41.87
C VAL C 256 37.45 20.47 -41.64
N THR C 257 37.91 21.19 -42.66
CA THR C 257 38.03 22.64 -42.61
C THR C 257 37.34 23.28 -43.80
N LYS C 258 36.47 24.26 -43.51
CA LYS C 258 35.93 25.12 -44.55
C LYS C 258 36.35 26.55 -44.24
N SER C 259 36.69 27.31 -45.28
CA SER C 259 37.32 28.63 -45.09
C SER C 259 36.91 29.69 -46.12
N PHE C 260 37.35 30.92 -45.92
CA PHE C 260 37.17 31.98 -46.92
C PHE C 260 38.10 33.18 -46.73
N ASN C 261 38.09 34.10 -47.71
CA ASN C 261 38.80 35.38 -47.59
C ASN C 261 37.84 36.57 -47.67
N GLN D 22 -13.45 15.22 -19.50
CA GLN D 22 -12.01 14.93 -19.58
C GLN D 22 -11.23 15.51 -18.40
N VAL D 23 -10.38 14.68 -17.79
CA VAL D 23 -9.62 15.07 -16.62
C VAL D 23 -8.38 15.85 -17.02
N GLN D 24 -8.40 17.16 -16.75
CA GLN D 24 -7.31 18.05 -17.17
C GLN D 24 -7.11 19.26 -16.27
N LEU D 25 -5.95 19.88 -16.41
CA LEU D 25 -5.64 21.14 -15.77
C LEU D 25 -5.22 22.12 -16.85
N VAL D 26 -5.94 23.22 -17.01
CA VAL D 26 -5.49 24.20 -18.00
C VAL D 26 -4.94 25.46 -17.34
N GLN D 27 -3.71 25.82 -17.70
CA GLN D 27 -3.00 26.92 -17.09
C GLN D 27 -3.12 28.18 -17.92
N SER D 28 -2.80 29.31 -17.31
CA SER D 28 -2.66 30.58 -18.03
C SER D 28 -1.92 31.57 -17.15
N GLY D 29 -1.49 32.69 -17.73
CA GLY D 29 -0.87 33.72 -16.95
C GLY D 29 0.62 33.91 -17.17
N GLY D 30 1.19 33.11 -18.07
CA GLY D 30 2.58 33.29 -18.42
C GLY D 30 2.81 34.55 -19.23
N GLY D 31 4.06 34.83 -19.57
CA GLY D 31 4.38 35.97 -20.39
C GLY D 31 5.79 36.48 -20.12
N VAL D 32 6.04 37.74 -20.43
CA VAL D 32 7.33 38.36 -20.19
C VAL D 32 7.17 39.41 -19.11
N PHE D 33 8.16 39.55 -18.23
CA PHE D 33 8.06 40.42 -17.07
C PHE D 33 9.35 41.19 -16.76
N LYS D 34 9.23 42.44 -16.34
CA LYS D 34 10.38 43.19 -15.87
C LYS D 34 10.77 42.64 -14.51
N PRO D 35 12.07 42.67 -14.17
CA PRO D 35 12.48 42.17 -12.85
C PRO D 35 12.02 43.12 -11.76
N GLY D 36 12.03 42.66 -10.50
CA GLY D 36 11.63 43.48 -9.38
C GLY D 36 10.15 43.46 -9.08
N GLY D 37 9.34 43.10 -10.08
CA GLY D 37 7.90 43.09 -9.92
C GLY D 37 7.37 41.76 -9.42
N SER D 38 6.13 41.43 -9.80
CA SER D 38 5.55 40.15 -9.43
C SER D 38 4.53 39.66 -10.47
N LEU D 39 4.24 38.36 -10.44
CA LEU D 39 3.26 37.77 -11.34
C LEU D 39 2.38 36.77 -10.61
N ARG D 40 1.21 36.48 -11.18
CA ARG D 40 0.38 35.40 -10.69
C ARG D 40 0.03 34.46 -11.84
N LEU D 41 0.24 33.17 -11.62
CA LEU D 41 -0.15 32.14 -12.58
C LEU D 41 -1.43 31.42 -12.13
N SER D 42 -2.25 31.01 -13.09
CA SER D 42 -3.53 30.35 -12.79
C SER D 42 -3.58 28.96 -13.39
N CYS D 43 -4.38 28.11 -12.77
CA CYS D 43 -4.60 26.75 -13.25
C CYS D 43 -6.05 26.39 -12.98
N GLU D 44 -6.76 25.92 -14.01
CA GLU D 44 -8.15 25.54 -13.86
C GLU D 44 -8.34 24.01 -14.00
N ALA D 45 -8.90 23.41 -12.97
CA ALA D 45 -9.12 21.96 -12.93
C ALA D 45 -10.52 21.59 -13.39
N SER D 46 -10.62 20.47 -14.09
CA SER D 46 -11.92 19.97 -14.48
C SER D 46 -11.85 18.46 -14.66
N GLY D 47 -13.01 17.80 -14.57
CA GLY D 47 -13.10 16.37 -14.78
C GLY D 47 -12.80 15.50 -13.57
N PHE D 48 -12.58 16.13 -12.42
CA PHE D 48 -12.34 15.37 -11.21
C PHE D 48 -12.74 16.18 -9.99
N THR D 49 -12.90 15.53 -8.85
CA THR D 49 -13.32 16.23 -7.66
C THR D 49 -12.16 17.00 -7.05
N PHE D 50 -12.14 18.30 -7.29
CA PHE D 50 -11.02 19.17 -6.95
C PHE D 50 -10.67 19.11 -5.45
N THR D 51 -11.66 19.19 -4.59
CA THR D 51 -11.37 19.28 -3.16
C THR D 51 -10.79 17.99 -2.54
N GLU D 52 -10.65 16.93 -3.35
CA GLU D 52 -10.07 15.69 -2.87
C GLU D 52 -8.56 15.64 -3.03
N TYR D 53 -7.97 16.66 -3.64
CA TYR D 53 -6.53 16.67 -3.92
C TYR D 53 -5.79 17.90 -3.39
N TYR D 54 -4.61 17.69 -2.82
CA TYR D 54 -3.63 18.76 -2.65
C TYR D 54 -3.10 19.16 -4.03
N MET D 55 -2.96 20.46 -4.29
CA MET D 55 -2.39 20.89 -5.56
C MET D 55 -0.97 21.42 -5.39
N THR D 56 -0.18 21.36 -6.46
CA THR D 56 1.21 21.78 -6.40
C THR D 56 1.67 22.60 -7.62
N TRP D 57 2.79 23.29 -7.44
CA TRP D 57 3.49 23.89 -8.56
C TRP D 57 4.90 23.31 -8.66
N VAL D 58 5.33 23.09 -9.90
CA VAL D 58 6.66 22.58 -10.19
C VAL D 58 7.19 23.42 -11.35
N ARG D 59 8.46 23.82 -11.28
CA ARG D 59 9.02 24.60 -12.37
C ARG D 59 10.23 23.94 -13.01
N GLN D 60 10.53 24.35 -14.23
CA GLN D 60 11.61 23.74 -14.97
C GLN D 60 12.36 24.82 -15.73
N ALA D 61 13.59 25.09 -15.31
CA ALA D 61 14.37 26.13 -15.94
C ALA D 61 14.91 25.59 -17.24
N PRO D 62 14.98 26.45 -18.29
CA PRO D 62 15.50 26.03 -19.60
C PRO D 62 16.80 25.25 -19.48
N GLY D 63 16.75 23.97 -19.85
CA GLY D 63 17.92 23.10 -19.76
C GLY D 63 17.96 22.26 -18.49
N LYS D 64 17.67 22.89 -17.35
CA LYS D 64 17.64 22.20 -16.05
C LYS D 64 16.55 21.16 -15.91
N GLY D 65 16.40 20.64 -14.71
CA GLY D 65 15.42 19.59 -14.43
C GLY D 65 14.17 20.13 -13.76
N LEU D 66 13.44 19.25 -13.10
CA LEU D 66 12.21 19.64 -12.42
C LEU D 66 12.50 20.05 -10.98
N GLU D 67 11.84 21.12 -10.53
CA GLU D 67 12.00 21.59 -9.17
C GLU D 67 10.61 21.77 -8.55
N TRP D 68 10.31 21.02 -7.50
CA TRP D 68 9.05 21.22 -6.79
C TRP D 68 9.05 22.56 -6.07
N LEU D 69 7.99 23.36 -6.24
CA LEU D 69 7.91 24.67 -5.59
C LEU D 69 7.06 24.72 -4.31
N ALA D 70 5.84 24.18 -4.37
CA ALA D 70 4.89 24.38 -3.31
C ALA D 70 3.75 23.41 -3.38
N TYR D 71 3.13 23.13 -2.25
CA TYR D 71 1.84 22.44 -2.28
C TYR D 71 0.79 23.13 -1.43
N ILE D 72 -0.47 23.00 -1.82
CA ILE D 72 -1.53 23.58 -1.00
C ILE D 72 -2.57 22.53 -0.65
N SER D 73 -3.04 22.58 0.59
CA SER D 73 -3.99 21.58 1.08
C SER D 73 -5.37 21.69 0.40
N LYS D 74 -6.23 20.73 0.70
CA LYS D 74 -7.57 20.67 0.11
C LYS D 74 -8.41 21.91 0.40
N ASN D 75 -8.47 22.30 1.67
CA ASN D 75 -9.27 23.47 2.02
C ASN D 75 -8.59 24.79 1.70
N GLY D 76 -7.39 24.75 1.15
CA GLY D 76 -6.70 25.95 0.71
C GLY D 76 -6.10 26.77 1.82
N GLU D 77 -6.02 26.19 3.02
CA GLU D 77 -5.54 26.93 4.19
C GLU D 77 -4.09 26.66 4.55
N TYR D 78 -3.60 25.46 4.22
CA TYR D 78 -2.25 25.09 4.57
C TYR D 78 -1.39 24.92 3.32
N SER D 79 -0.24 25.60 3.29
CA SER D 79 0.70 25.47 2.17
C SER D 79 2.16 25.31 2.62
N LYS D 80 2.92 24.53 1.86
CA LYS D 80 4.32 24.24 2.18
C LYS D 80 5.19 24.61 0.98
N TYR D 81 6.42 25.08 1.24
CA TYR D 81 7.29 25.59 0.17
C TYR D 81 8.65 24.95 0.15
N SER D 82 9.32 24.97 -0.99
CA SER D 82 10.70 24.52 -1.05
C SER D 82 11.56 25.43 -0.18
N PRO D 83 12.58 24.86 0.46
CA PRO D 83 13.44 25.61 1.38
C PRO D 83 14.05 26.87 0.72
N SER D 84 14.20 26.83 -0.60
CA SER D 84 14.82 27.95 -1.32
C SER D 84 13.83 29.06 -1.67
N SER D 85 12.56 28.90 -1.30
CA SER D 85 11.51 29.86 -1.64
C SER D 85 11.62 31.16 -0.86
N ASN D 86 11.89 31.06 0.44
CA ASN D 86 12.15 32.24 1.27
C ASN D 86 11.00 33.25 1.25
N GLY D 87 9.77 32.75 1.20
CA GLY D 87 8.60 33.60 1.24
C GLY D 87 8.18 34.27 -0.06
N ARG D 88 9.02 34.22 -1.10
CA ARG D 88 8.68 34.86 -2.37
C ARG D 88 7.51 34.20 -3.09
N PHE D 89 7.33 32.91 -2.86
CA PHE D 89 6.25 32.19 -3.51
C PHE D 89 5.03 32.10 -2.62
N THR D 90 3.87 32.27 -3.21
CA THR D 90 2.61 32.01 -2.53
C THR D 90 1.69 31.17 -3.40
N ILE D 91 1.38 29.97 -2.94
CA ILE D 91 0.39 29.17 -3.61
C ILE D 91 -0.94 29.38 -2.89
N SER D 92 -2.01 29.49 -3.65
CA SER D 92 -3.34 29.65 -3.09
C SER D 92 -4.36 28.91 -3.98
N ARG D 93 -5.59 28.74 -3.50
CA ARG D 93 -6.61 28.10 -4.32
C ARG D 93 -8.01 28.64 -4.10
N ASP D 94 -8.82 28.55 -5.14
CA ASP D 94 -10.20 28.99 -5.08
C ASP D 94 -11.07 27.80 -5.44
N ASN D 95 -11.58 27.11 -4.42
CA ASN D 95 -12.33 25.87 -4.65
C ASN D 95 -13.63 26.06 -5.42
N ALA D 96 -14.30 27.18 -5.22
CA ALA D 96 -15.54 27.44 -5.94
C ALA D 96 -15.28 27.57 -7.45
N LYS D 97 -14.04 27.90 -7.81
CA LYS D 97 -13.66 28.07 -9.21
C LYS D 97 -12.75 26.94 -9.69
N ASN D 98 -12.58 25.92 -8.87
CA ASN D 98 -11.66 24.82 -9.17
C ASN D 98 -10.33 25.29 -9.69
N SER D 99 -9.77 26.32 -9.06
CA SER D 99 -8.53 26.91 -9.54
C SER D 99 -7.45 26.96 -8.48
N VAL D 100 -6.21 26.74 -8.90
CA VAL D 100 -5.07 26.96 -8.02
C VAL D 100 -4.25 28.14 -8.60
N PHE D 101 -3.49 28.81 -7.76
CA PHE D 101 -2.69 29.96 -8.20
C PHE D 101 -1.30 29.96 -7.60
N LEU D 102 -0.37 30.58 -8.31
CA LEU D 102 0.97 30.77 -7.78
C LEU D 102 1.37 32.20 -8.00
N GLN D 103 1.63 32.91 -6.92
CA GLN D 103 2.13 34.27 -6.99
C GLN D 103 3.62 34.27 -6.70
N LEU D 104 4.37 35.08 -7.44
CA LEU D 104 5.80 35.11 -7.27
C LEU D 104 6.27 36.55 -7.20
N ASP D 105 6.80 36.97 -6.06
CA ASP D 105 7.21 38.37 -5.88
C ASP D 105 8.70 38.56 -6.11
N ARG D 106 9.12 39.82 -6.21
CA ARG D 106 10.54 40.18 -6.37
C ARG D 106 11.24 39.45 -7.52
N LEU D 107 10.56 39.33 -8.66
CA LEU D 107 11.07 38.60 -9.81
C LEU D 107 12.49 38.95 -10.22
N SER D 108 13.27 37.94 -10.58
CA SER D 108 14.59 38.14 -11.15
C SER D 108 14.76 37.21 -12.34
N ALA D 109 15.89 37.34 -13.03
CA ALA D 109 16.14 36.54 -14.23
C ALA D 109 16.14 35.04 -13.93
N ASP D 110 16.61 34.66 -12.75
CA ASP D 110 16.61 33.25 -12.33
C ASP D 110 15.21 32.63 -12.28
N ASP D 111 14.18 33.48 -12.27
CA ASP D 111 12.80 33.00 -12.26
C ASP D 111 12.28 32.66 -13.65
N THR D 112 13.13 32.85 -14.64
CA THR D 112 12.77 32.52 -16.00
C THR D 112 12.74 30.99 -16.10
N ALA D 113 11.58 30.45 -16.46
CA ALA D 113 11.34 29.00 -16.45
C ALA D 113 9.96 28.70 -17.00
N VAL D 114 9.68 27.41 -17.21
CA VAL D 114 8.32 26.99 -17.48
C VAL D 114 7.73 26.57 -16.15
N TYR D 115 6.52 27.01 -15.82
CA TYR D 115 5.88 26.61 -14.55
C TYR D 115 4.71 25.65 -14.76
N TYR D 116 4.75 24.52 -14.07
CA TYR D 116 3.66 23.54 -14.17
C TYR D 116 2.75 23.50 -12.96
N CYS D 117 1.46 23.43 -13.22
CA CYS D 117 0.45 23.12 -12.23
C CYS D 117 0.31 21.58 -12.19
N ALA D 118 0.45 20.96 -11.02
CA ALA D 118 0.35 19.50 -10.96
C ALA D 118 -0.50 19.00 -9.81
N ARG D 119 -1.35 18.02 -10.09
CA ARG D 119 -2.13 17.37 -9.05
C ARG D 119 -1.28 16.37 -8.24
N ALA D 120 -1.47 16.37 -6.92
CA ALA D 120 -0.71 15.49 -6.04
C ALA D 120 -1.58 14.37 -5.46
N ASP D 121 -1.10 13.14 -5.61
CA ASP D 121 -1.74 11.99 -4.99
C ASP D 121 -0.78 11.48 -3.94
N GLY D 122 -1.22 11.40 -2.69
CA GLY D 122 -0.31 10.94 -1.65
C GLY D 122 -1.00 10.76 -0.32
N LEU D 123 -0.21 10.61 0.73
CA LEU D 123 -0.75 10.53 2.07
C LEU D 123 -0.78 11.93 2.66
N THR D 124 -1.70 12.14 3.61
CA THR D 124 -1.65 13.32 4.44
C THR D 124 -1.52 12.90 5.90
N TYR D 125 -0.75 13.66 6.67
CA TYR D 125 -0.66 13.45 8.11
C TYR D 125 -0.95 14.78 8.74
N PHE D 126 -2.14 14.92 9.32
CA PHE D 126 -2.69 16.22 9.65
C PHE D 126 -2.70 17.07 8.39
N SER D 127 -2.02 18.20 8.36
CA SER D 127 -2.01 19.00 7.12
C SER D 127 -0.82 18.73 6.20
N GLU D 128 0.12 17.92 6.68
CA GLU D 128 1.35 17.64 5.96
C GLU D 128 1.13 16.66 4.82
N LEU D 129 1.62 17.00 3.63
CA LEU D 129 1.53 16.09 2.48
C LEU D 129 2.76 15.16 2.42
N LEU D 130 2.51 13.87 2.23
CA LEU D 130 3.55 12.86 2.35
C LEU D 130 3.47 11.87 1.22
N GLN D 131 4.59 11.25 0.87
CA GLN D 131 4.60 10.19 -0.12
C GLN D 131 3.79 10.57 -1.36
N TYR D 132 4.12 11.67 -2.02
CA TYR D 132 3.25 12.11 -3.10
C TYR D 132 3.86 12.05 -4.49
N ILE D 133 3.03 11.67 -5.44
CA ILE D 133 3.42 11.62 -6.83
C ILE D 133 2.57 12.62 -7.60
N PHE D 134 3.12 13.14 -8.70
CA PHE D 134 2.42 14.12 -9.51
C PHE D 134 1.76 13.42 -10.67
N ASP D 135 0.48 13.07 -10.53
CA ASP D 135 -0.17 12.20 -11.50
C ASP D 135 -0.91 12.92 -12.62
N LEU D 136 -1.02 14.24 -12.52
CA LEU D 136 -1.69 15.02 -13.55
C LEU D 136 -1.04 16.40 -13.66
N TRP D 137 -0.78 16.84 -14.89
CA TRP D 137 -0.02 18.06 -15.10
C TRP D 137 -0.73 19.01 -16.05
N GLY D 138 -0.60 20.30 -15.78
CA GLY D 138 -1.07 21.32 -16.71
C GLY D 138 -0.13 21.34 -17.91
N GLN D 139 -0.43 22.16 -18.91
CA GLN D 139 0.38 22.18 -20.11
C GLN D 139 1.60 23.07 -19.90
N GLY D 140 1.67 23.74 -18.76
CA GLY D 140 2.79 24.60 -18.42
C GLY D 140 2.55 26.04 -18.81
N ALA D 141 3.21 26.95 -18.11
CA ALA D 141 3.20 28.38 -18.47
C ALA D 141 4.63 28.91 -18.59
N ARG D 142 4.95 29.54 -19.72
CA ARG D 142 6.29 30.07 -19.90
C ARG D 142 6.41 31.43 -19.23
N VAL D 143 7.46 31.58 -18.42
CA VAL D 143 7.74 32.86 -17.80
C VAL D 143 9.14 33.34 -18.20
N THR D 144 9.24 34.52 -18.79
CA THR D 144 10.54 35.13 -19.04
C THR D 144 10.66 36.42 -18.26
N VAL D 145 11.75 36.56 -17.50
CA VAL D 145 12.05 37.79 -16.80
C VAL D 145 13.34 38.41 -17.34
N SER D 146 13.21 39.60 -17.92
CA SER D 146 14.36 40.30 -18.47
C SER D 146 14.10 41.80 -18.35
N SER D 147 15.18 42.57 -18.23
CA SER D 147 15.07 44.02 -18.25
C SER D 147 14.89 44.51 -19.70
N ALA D 148 15.08 43.60 -20.65
CA ALA D 148 14.94 43.89 -22.08
C ALA D 148 13.56 44.38 -22.47
N SER D 149 13.51 45.15 -23.55
CA SER D 149 12.24 45.63 -24.11
C SER D 149 11.97 44.93 -25.42
N THR D 150 10.69 44.85 -25.81
CA THR D 150 10.31 44.22 -27.06
C THR D 150 11.02 44.86 -28.23
N LYS D 151 11.63 44.03 -29.07
CA LYS D 151 12.37 44.49 -30.22
C LYS D 151 12.22 43.44 -31.32
N GLY D 152 11.80 43.86 -32.51
CA GLY D 152 11.69 42.96 -33.63
C GLY D 152 13.04 42.49 -34.13
N PRO D 153 13.10 41.39 -34.87
CA PRO D 153 14.41 40.88 -35.26
C PRO D 153 15.01 41.59 -36.45
N SER D 154 16.34 41.57 -36.52
CA SER D 154 17.06 41.94 -37.72
C SER D 154 17.38 40.65 -38.47
N VAL D 155 17.18 40.67 -39.77
CA VAL D 155 17.33 39.46 -40.56
C VAL D 155 18.41 39.65 -41.61
N PHE D 156 19.48 38.86 -41.49
CA PHE D 156 20.60 38.92 -42.42
C PHE D 156 20.75 37.63 -43.19
N PRO D 157 21.04 37.73 -44.49
CA PRO D 157 21.15 36.53 -45.32
C PRO D 157 22.43 35.77 -45.03
N LEU D 158 22.34 34.44 -45.13
CA LEU D 158 23.52 33.59 -45.14
C LEU D 158 23.67 33.05 -46.55
N ALA D 159 24.51 33.72 -47.33
CA ALA D 159 24.64 33.46 -48.76
C ALA D 159 25.49 32.25 -49.10
N PRO D 160 24.97 31.37 -49.96
CA PRO D 160 25.67 30.16 -50.43
C PRO D 160 26.87 30.47 -51.32
N SER D 161 27.68 29.45 -51.59
CA SER D 161 28.81 29.57 -52.52
C SER D 161 28.31 29.70 -53.96
N GLY D 168 27.47 19.18 -56.17
CA GLY D 168 26.44 18.48 -55.41
C GLY D 168 25.29 19.40 -55.01
N THR D 169 25.04 19.51 -53.72
CA THR D 169 23.95 20.32 -53.20
C THR D 169 24.47 21.52 -52.41
N ALA D 170 23.75 22.63 -52.49
CA ALA D 170 24.14 23.87 -51.83
C ALA D 170 23.37 24.11 -50.52
N ALA D 171 23.91 24.99 -49.67
CA ALA D 171 23.26 25.35 -48.42
C ALA D 171 23.19 26.86 -48.27
N LEU D 172 22.04 27.36 -47.85
CA LEU D 172 21.83 28.79 -47.65
C LEU D 172 20.94 28.95 -46.44
N GLY D 173 20.88 30.15 -45.89
CA GLY D 173 20.06 30.36 -44.71
C GLY D 173 19.84 31.80 -44.31
N CYS D 174 19.21 31.99 -43.16
CA CYS D 174 18.93 33.32 -42.60
C CYS D 174 19.41 33.44 -41.17
N LEU D 175 20.10 34.53 -40.89
CA LEU D 175 20.49 34.82 -39.53
C LEU D 175 19.45 35.77 -38.92
N VAL D 176 18.77 35.31 -37.88
CA VAL D 176 17.74 36.15 -37.24
C VAL D 176 18.26 36.67 -35.91
N LYS D 177 18.58 37.96 -35.86
CA LYS D 177 19.39 38.47 -34.77
C LYS D 177 18.75 39.62 -33.97
N ASP D 178 19.08 39.66 -32.68
CA ASP D 178 18.78 40.79 -31.81
C ASP D 178 17.28 41.06 -31.66
N TYR D 179 16.53 40.05 -31.23
CA TYR D 179 15.10 40.22 -30.99
C TYR D 179 14.72 39.86 -29.55
N PHE D 180 13.58 40.36 -29.10
CA PHE D 180 13.07 40.07 -27.77
C PHE D 180 11.58 40.36 -27.73
N PRO D 181 10.82 39.43 -27.14
CA PRO D 181 11.29 38.16 -26.62
C PRO D 181 11.11 37.04 -27.65
N GLU D 182 11.32 35.81 -27.20
CA GLU D 182 10.97 34.64 -28.00
C GLU D 182 9.46 34.59 -28.08
N PRO D 183 8.92 33.94 -29.11
CA PRO D 183 9.60 33.22 -30.20
C PRO D 183 9.51 33.96 -31.51
N VAL D 184 10.33 33.53 -32.47
CA VAL D 184 10.10 33.82 -33.86
C VAL D 184 9.86 32.49 -34.53
N THR D 185 9.10 32.49 -35.61
CA THR D 185 9.04 31.29 -36.43
C THR D 185 9.62 31.65 -37.78
N VAL D 186 10.34 30.71 -38.40
CA VAL D 186 10.91 30.94 -39.72
C VAL D 186 10.29 29.98 -40.73
N SER D 187 9.83 30.53 -41.85
CA SER D 187 9.41 29.69 -42.96
C SER D 187 10.14 30.13 -44.21
N TRP D 188 10.18 29.25 -45.22
CA TRP D 188 10.89 29.56 -46.45
C TRP D 188 9.94 29.59 -47.62
N ASN D 189 10.12 30.57 -48.50
CA ASN D 189 9.22 30.77 -49.65
C ASN D 189 7.75 30.70 -49.27
N SER D 190 7.35 31.51 -48.28
CA SER D 190 5.97 31.53 -47.79
C SER D 190 5.47 30.15 -47.36
N GLY D 191 6.36 29.37 -46.76
CA GLY D 191 6.00 28.06 -46.24
C GLY D 191 5.86 26.99 -47.30
N ALA D 192 6.24 27.32 -48.53
CA ALA D 192 6.16 26.36 -49.64
C ALA D 192 7.40 25.48 -49.70
N LEU D 193 8.44 25.89 -48.99
CA LEU D 193 9.67 25.12 -48.93
C LEU D 193 9.86 24.61 -47.52
N THR D 194 9.90 23.29 -47.36
CA THR D 194 9.98 22.67 -46.05
C THR D 194 11.04 21.58 -45.98
N SER D 195 11.32 20.95 -47.11
CA SER D 195 12.29 19.86 -47.17
C SER D 195 13.70 20.29 -46.83
N GLY D 196 14.27 19.69 -45.81
CA GLY D 196 15.65 19.97 -45.44
C GLY D 196 15.87 21.34 -44.87
N VAL D 197 14.84 21.91 -44.25
CA VAL D 197 14.96 23.16 -43.52
C VAL D 197 15.33 22.85 -42.08
N HIS D 198 16.29 23.58 -41.53
CA HIS D 198 16.65 23.42 -40.15
C HIS D 198 16.68 24.78 -39.48
N THR D 199 15.71 25.04 -38.62
CA THR D 199 15.70 26.26 -37.83
C THR D 199 16.22 25.91 -36.44
N PHE D 200 17.28 26.59 -36.02
CA PHE D 200 17.95 26.25 -34.77
C PHE D 200 17.26 26.86 -33.55
N PRO D 201 17.53 26.32 -32.36
CA PRO D 201 17.03 26.91 -31.12
C PRO D 201 17.65 28.29 -30.88
N ALA D 202 16.88 29.21 -30.32
CA ALA D 202 17.40 30.55 -30.05
C ALA D 202 18.37 30.54 -28.87
N VAL D 203 19.37 31.42 -28.93
CA VAL D 203 20.28 31.60 -27.81
C VAL D 203 20.21 33.03 -27.27
N LEU D 204 20.22 33.17 -25.95
CA LEU D 204 20.16 34.47 -25.32
C LEU D 204 21.55 35.07 -25.31
N GLN D 205 21.74 36.13 -26.09
CA GLN D 205 23.02 36.81 -26.14
C GLN D 205 23.24 37.62 -24.87
N SER D 206 24.49 38.02 -24.64
CA SER D 206 24.87 38.79 -23.46
C SER D 206 24.18 40.15 -23.44
N SER D 207 23.75 40.61 -24.61
CA SER D 207 23.03 41.88 -24.73
C SER D 207 21.59 41.76 -24.21
N GLY D 208 21.16 40.54 -23.94
CA GLY D 208 19.83 40.33 -23.46
C GLY D 208 18.83 40.13 -24.59
N LEU D 209 19.33 40.07 -25.82
CA LEU D 209 18.48 39.82 -26.99
C LEU D 209 18.68 38.39 -27.48
N TYR D 210 17.69 37.82 -28.16
CA TYR D 210 17.82 36.46 -28.69
C TYR D 210 18.30 36.45 -30.11
N SER D 211 18.75 35.28 -30.57
CA SER D 211 19.26 35.12 -31.91
C SER D 211 19.31 33.65 -32.33
N LEU D 212 18.93 33.37 -33.58
CA LEU D 212 19.05 32.04 -34.16
C LEU D 212 19.32 32.10 -35.66
N SER D 213 19.59 30.94 -36.24
CA SER D 213 19.71 30.80 -37.67
C SER D 213 18.69 29.80 -38.18
N SER D 214 18.34 29.93 -39.45
CA SER D 214 17.54 28.94 -40.12
C SER D 214 18.22 28.63 -41.44
N VAL D 215 18.63 27.38 -41.64
CA VAL D 215 19.30 27.01 -42.88
C VAL D 215 18.46 26.04 -43.68
N VAL D 216 18.82 25.86 -44.94
CA VAL D 216 18.14 24.91 -45.79
C VAL D 216 19.12 24.51 -46.87
N THR D 217 19.13 23.23 -47.22
CA THR D 217 20.03 22.76 -48.26
C THR D 217 19.25 22.42 -49.53
N VAL D 218 19.71 22.92 -50.66
CA VAL D 218 19.01 22.76 -51.93
C VAL D 218 19.97 22.31 -53.02
N PRO D 219 19.44 21.83 -54.15
CA PRO D 219 20.29 21.54 -55.31
C PRO D 219 21.04 22.77 -55.81
N SER D 220 22.34 22.63 -56.06
CA SER D 220 23.15 23.74 -56.56
C SER D 220 22.67 24.21 -57.93
N SER D 221 22.12 23.29 -58.71
CA SER D 221 21.66 23.61 -60.06
C SER D 221 20.50 24.60 -60.06
N SER D 222 19.62 24.48 -59.07
CA SER D 222 18.44 25.33 -59.01
C SER D 222 18.70 26.68 -58.35
N LEU D 223 19.97 27.04 -58.18
CA LEU D 223 20.32 28.30 -57.55
C LEU D 223 19.90 29.52 -58.39
N GLY D 224 20.18 29.48 -59.68
CA GLY D 224 19.86 30.61 -60.54
C GLY D 224 18.53 30.48 -61.25
N THR D 225 17.73 29.51 -60.85
CA THR D 225 16.42 29.29 -61.48
C THR D 225 15.30 29.40 -60.45
N GLN D 226 15.66 29.35 -59.18
CA GLN D 226 14.69 29.41 -58.10
C GLN D 226 15.10 30.45 -57.05
N THR D 227 14.16 31.33 -56.70
CA THR D 227 14.45 32.37 -55.72
C THR D 227 14.12 31.90 -54.31
N TYR D 228 15.01 32.17 -53.36
CA TYR D 228 14.79 31.73 -51.98
C TYR D 228 14.60 32.91 -51.02
N ILE D 229 13.43 32.97 -50.41
CA ILE D 229 13.14 34.00 -49.43
C ILE D 229 12.79 33.35 -48.11
N CYS D 230 13.51 33.69 -47.06
CA CYS D 230 13.09 33.26 -45.74
C CYS D 230 12.10 34.27 -45.15
N ASN D 231 11.11 33.77 -44.42
CA ASN D 231 10.08 34.60 -43.82
C ASN D 231 10.12 34.46 -42.33
N VAL D 232 10.27 35.60 -41.65
CA VAL D 232 10.49 35.61 -40.21
C VAL D 232 9.30 36.27 -39.53
N ASN D 233 8.57 35.53 -38.72
CA ASN D 233 7.39 36.08 -38.07
C ASN D 233 7.72 36.36 -36.59
N HIS D 234 7.52 37.59 -36.14
CA HIS D 234 7.74 37.88 -34.72
C HIS D 234 6.48 38.41 -34.05
N LYS D 235 5.61 37.50 -33.61
CA LYS D 235 4.32 37.90 -32.99
C LYS D 235 4.43 38.95 -31.87
N PRO D 236 5.39 38.81 -30.92
CA PRO D 236 5.46 39.77 -29.82
C PRO D 236 5.61 41.23 -30.24
N SER D 237 6.18 41.47 -31.42
CA SER D 237 6.30 42.84 -31.90
C SER D 237 5.42 43.10 -33.12
N ASN D 238 4.55 42.14 -33.46
CA ASN D 238 3.63 42.28 -34.58
C ASN D 238 4.28 42.56 -35.92
N THR D 239 5.46 41.98 -36.13
CA THR D 239 6.20 42.25 -37.35
C THR D 239 6.45 40.97 -38.14
N LYS D 240 6.70 41.13 -39.43
CA LYS D 240 7.14 40.02 -40.25
C LYS D 240 8.23 40.54 -41.15
N VAL D 241 9.32 39.80 -41.27
CA VAL D 241 10.40 40.25 -42.14
C VAL D 241 10.71 39.21 -43.21
N ASP D 242 10.74 39.62 -44.47
CA ASP D 242 11.14 38.73 -45.56
C ASP D 242 12.55 39.07 -46.01
N LYS D 243 13.34 38.06 -46.34
CA LYS D 243 14.69 38.32 -46.81
C LYS D 243 15.02 37.45 -48.00
N ARG D 244 15.33 38.06 -49.14
CA ARG D 244 15.74 37.31 -50.30
C ARG D 244 17.17 36.85 -50.08
N VAL D 245 17.47 35.59 -50.41
CA VAL D 245 18.82 35.08 -50.21
C VAL D 245 19.40 34.62 -51.55
N GLU D 246 20.47 35.29 -51.97
CA GLU D 246 21.14 34.98 -53.22
C GLU D 246 22.64 34.96 -52.94
N PRO D 247 23.41 34.27 -53.79
CA PRO D 247 24.88 34.20 -53.63
C PRO D 247 25.59 35.52 -53.94
N ILE E 47 -18.74 -15.34 -0.80
CA ILE E 47 -17.30 -15.39 -0.55
C ILE E 47 -16.97 -16.16 0.73
N VAL E 48 -16.65 -17.45 0.57
CA VAL E 48 -16.29 -18.30 1.70
C VAL E 48 -14.77 -18.44 1.86
N LEU E 49 -14.35 -18.84 3.05
CA LEU E 49 -12.96 -19.18 3.29
C LEU E 49 -12.83 -20.60 3.84
N ALA E 50 -12.53 -21.55 2.95
CA ALA E 50 -12.25 -22.91 3.38
C ALA E 50 -10.85 -22.94 4.00
N GLN E 51 -10.77 -23.18 5.30
CA GLN E 51 -9.49 -23.24 6.00
C GLN E 51 -9.16 -24.69 6.31
N SER E 52 -7.90 -25.09 6.16
CA SER E 52 -7.51 -26.49 6.42
C SER E 52 -6.03 -26.66 6.80
N PRO E 53 -5.71 -27.72 7.57
CA PRO E 53 -6.65 -28.68 8.16
C PRO E 53 -7.38 -28.07 9.35
N ASP E 54 -8.43 -28.74 9.80
CA ASP E 54 -9.21 -28.27 10.94
C ASP E 54 -8.36 -28.36 12.19
N SER E 55 -7.63 -29.46 12.30
CA SER E 55 -6.73 -29.68 13.42
C SER E 55 -5.35 -30.04 12.86
N LEU E 56 -4.32 -29.83 13.65
CA LEU E 56 -2.96 -30.05 13.18
C LEU E 56 -2.02 -30.33 14.35
N ALA E 57 -1.45 -31.53 14.38
CA ALA E 57 -0.53 -31.88 15.46
C ALA E 57 0.90 -31.63 15.03
N VAL E 58 1.67 -30.95 15.88
CA VAL E 58 3.04 -30.56 15.55
C VAL E 58 3.96 -30.76 16.77
N SER E 59 5.17 -31.25 16.53
CA SER E 59 6.16 -31.37 17.60
C SER E 59 6.87 -30.04 17.79
N PRO E 60 7.30 -29.73 19.02
CA PRO E 60 8.02 -28.48 19.26
C PRO E 60 9.33 -28.42 18.48
N GLY E 61 9.61 -27.27 17.88
CA GLY E 61 10.77 -27.12 17.03
C GLY E 61 10.47 -27.40 15.58
N GLU E 62 9.35 -28.08 15.33
CA GLU E 62 8.96 -28.45 13.97
C GLU E 62 8.13 -27.37 13.29
N ARG E 63 7.59 -27.71 12.12
CA ARG E 63 6.92 -26.74 11.27
C ARG E 63 5.42 -26.96 11.14
N ALA E 64 4.64 -25.92 11.41
CA ALA E 64 3.20 -25.97 11.27
C ALA E 64 2.79 -25.27 9.99
N THR E 65 1.89 -25.88 9.22
CA THR E 65 1.45 -25.28 7.97
C THR E 65 -0.06 -25.25 7.83
N ILE E 66 -0.62 -24.04 7.83
CA ILE E 66 -2.06 -23.83 7.75
C ILE E 66 -2.44 -23.23 6.40
N HIS E 67 -3.51 -23.75 5.82
CA HIS E 67 -3.96 -23.28 4.51
C HIS E 67 -5.27 -22.51 4.57
N CYS E 68 -5.45 -21.61 3.61
CA CYS E 68 -6.65 -20.79 3.52
C CYS E 68 -6.99 -20.53 2.05
N LYS E 69 -8.14 -21.05 1.61
CA LYS E 69 -8.58 -20.83 0.23
C LYS E 69 -9.91 -20.09 0.20
N SER E 70 -10.03 -19.13 -0.72
CA SER E 70 -11.25 -18.37 -0.87
C SER E 70 -12.00 -18.75 -2.13
N SER E 71 -13.29 -18.42 -2.17
CA SER E 71 -14.07 -18.62 -3.40
C SER E 71 -13.78 -17.48 -4.38
N GLN E 72 -13.26 -16.37 -3.86
CA GLN E 72 -12.82 -15.26 -4.69
C GLN E 72 -11.98 -14.26 -3.89
N HIS E 82 -3.29 -8.42 -2.01
CA HIS E 82 -3.65 -9.65 -1.29
C HIS E 82 -4.20 -9.38 0.10
N SER E 83 -5.52 -9.25 0.19
CA SER E 83 -6.15 -8.84 1.44
C SER E 83 -6.45 -9.98 2.37
N ILE E 84 -5.40 -10.59 2.92
CA ILE E 84 -5.55 -11.72 3.84
C ILE E 84 -4.87 -11.37 5.16
N ALA E 85 -5.54 -11.68 6.27
CA ALA E 85 -4.98 -11.44 7.59
C ALA E 85 -5.01 -12.71 8.40
N TRP E 86 -4.05 -12.91 9.29
CA TRP E 86 -4.05 -14.08 10.17
C TRP E 86 -4.17 -13.69 11.65
N TYR E 87 -5.03 -14.39 12.38
CA TYR E 87 -5.21 -14.14 13.82
C TYR E 87 -4.91 -15.37 14.69
N GLN E 88 -4.34 -15.12 15.87
CA GLN E 88 -4.02 -16.17 16.83
C GLN E 88 -4.91 -16.02 18.06
N GLN E 89 -5.56 -17.10 18.47
CA GLN E 89 -6.37 -17.09 19.67
C GLN E 89 -6.03 -18.28 20.56
N ARG E 90 -5.37 -18.00 21.67
CA ARG E 90 -5.09 -19.04 22.66
C ARG E 90 -6.34 -19.30 23.49
N PRO E 91 -6.43 -20.49 24.10
CA PRO E 91 -7.60 -20.82 24.92
C PRO E 91 -7.96 -19.74 25.95
N GLY E 92 -9.21 -19.30 25.92
CA GLY E 92 -9.73 -18.32 26.88
C GLY E 92 -9.16 -16.93 26.69
N GLN E 93 -8.65 -16.66 25.50
CA GLN E 93 -7.99 -15.40 25.22
C GLN E 93 -8.64 -14.70 24.03
N PRO E 94 -8.45 -13.38 23.92
CA PRO E 94 -8.94 -12.68 22.73
C PRO E 94 -8.01 -12.94 21.57
N PRO E 95 -8.51 -12.79 20.34
CA PRO E 95 -7.72 -12.88 19.11
C PRO E 95 -6.63 -11.82 19.09
N LYS E 96 -5.54 -12.11 18.41
CA LYS E 96 -4.43 -11.21 18.28
C LYS E 96 -4.00 -11.23 16.82
N LEU E 97 -3.77 -10.05 16.23
CA LEU E 97 -3.35 -9.97 14.85
C LEU E 97 -1.87 -10.36 14.70
N LEU E 98 -1.57 -11.17 13.70
CA LEU E 98 -0.20 -11.58 13.43
C LEU E 98 0.30 -11.04 12.10
N LEU E 99 -0.46 -11.32 11.04
CA LEU E 99 -0.07 -10.95 9.68
C LEU E 99 -1.22 -10.30 8.92
N TYR E 100 -0.88 -9.35 8.07
CA TYR E 100 -1.83 -8.75 7.14
C TYR E 100 -1.14 -8.55 5.78
N TRP E 101 -1.91 -8.26 4.74
CA TRP E 101 -1.42 -8.32 3.37
C TRP E 101 -0.80 -9.68 3.09
N ALA E 102 -1.36 -10.70 3.74
CA ALA E 102 -0.91 -12.09 3.61
C ALA E 102 0.46 -12.39 4.23
N SER E 103 1.40 -11.46 4.12
CA SER E 103 2.81 -11.78 4.44
C SER E 103 3.49 -10.80 5.39
N MET E 104 2.81 -9.71 5.73
CA MET E 104 3.44 -8.70 6.56
C MET E 104 3.11 -8.91 8.03
N ARG E 105 4.13 -9.20 8.84
CA ARG E 105 3.88 -9.40 10.26
C ARG E 105 3.66 -8.06 10.96
N LEU E 106 2.79 -8.08 11.96
CA LEU E 106 2.58 -6.90 12.79
C LEU E 106 3.81 -6.76 13.67
N SER E 107 4.12 -5.52 14.07
CA SER E 107 5.25 -5.29 14.97
C SER E 107 5.14 -6.11 16.24
N GLY E 108 6.22 -6.78 16.61
CA GLY E 108 6.23 -7.57 17.82
C GLY E 108 6.07 -9.06 17.60
N VAL E 109 5.42 -9.43 16.49
CA VAL E 109 5.26 -10.83 16.14
C VAL E 109 6.61 -11.44 15.75
N PRO E 110 7.00 -12.56 16.41
CA PRO E 110 8.30 -13.18 16.19
C PRO E 110 8.54 -13.63 14.74
N ASP E 111 9.80 -13.70 14.33
CA ASP E 111 10.17 -14.00 12.95
C ASP E 111 9.77 -15.39 12.47
N ARG E 112 9.51 -16.30 13.40
CA ARG E 112 9.14 -17.67 13.05
C ARG E 112 7.74 -17.74 12.42
N PHE E 113 6.99 -16.66 12.52
CA PHE E 113 5.69 -16.57 11.84
C PHE E 113 5.87 -15.91 10.47
N SER E 114 5.46 -16.61 9.43
CA SER E 114 5.56 -16.08 8.08
C SER E 114 4.29 -16.41 7.30
N GLY E 115 3.89 -15.51 6.42
CA GLY E 115 2.72 -15.75 5.61
C GLY E 115 3.10 -15.68 4.16
N SER E 116 2.40 -16.43 3.34
CA SER E 116 2.57 -16.39 1.89
C SER E 116 1.23 -16.71 1.25
N GLY E 117 1.17 -16.66 -0.07
CA GLY E 117 -0.07 -16.96 -0.76
C GLY E 117 -0.20 -16.36 -2.14
N SER E 118 -0.50 -17.20 -3.11
CA SER E 118 -0.65 -16.77 -4.50
C SER E 118 -2.11 -16.71 -4.95
N GLY E 119 -2.67 -15.50 -4.93
CA GLY E 119 -3.98 -15.23 -5.50
C GLY E 119 -5.18 -15.74 -4.73
N THR E 120 -5.34 -17.06 -4.70
CA THR E 120 -6.54 -17.67 -4.14
C THR E 120 -6.24 -18.60 -2.97
N ASP E 121 -5.00 -19.07 -2.88
CA ASP E 121 -4.58 -19.96 -1.80
C ASP E 121 -3.52 -19.29 -0.94
N PHE E 122 -3.71 -19.33 0.38
CA PHE E 122 -2.81 -18.65 1.31
C PHE E 122 -2.33 -19.54 2.44
N THR E 123 -1.09 -19.31 2.86
CA THR E 123 -0.45 -20.17 3.84
C THR E 123 0.12 -19.41 5.03
N LEU E 124 -0.15 -19.94 6.22
CA LEU E 124 0.51 -19.46 7.43
C LEU E 124 1.50 -20.53 7.86
N THR E 125 2.72 -20.11 8.13
CA THR E 125 3.78 -21.04 8.48
C THR E 125 4.38 -20.65 9.81
N ILE E 126 4.44 -21.63 10.72
CA ILE E 126 5.07 -21.43 12.01
C ILE E 126 6.29 -22.36 12.10
N ASN E 127 7.47 -21.77 12.10
CA ASN E 127 8.70 -22.56 12.25
C ASN E 127 9.15 -22.57 13.70
N ASN E 128 9.99 -23.54 14.04
CA ASN E 128 10.51 -23.69 15.40
C ASN E 128 9.40 -23.56 16.44
N LEU E 129 8.35 -24.39 16.28
CA LEU E 129 7.14 -24.28 17.09
C LEU E 129 7.43 -24.21 18.58
N GLN E 130 6.76 -23.28 19.26
CA GLN E 130 6.91 -23.10 20.69
C GLN E 130 5.62 -23.55 21.37
N ALA E 131 5.66 -23.66 22.71
CA ALA E 131 4.49 -24.08 23.47
C ALA E 131 3.40 -23.02 23.44
N GLU E 132 3.81 -21.75 23.39
CA GLU E 132 2.85 -20.65 23.38
C GLU E 132 2.17 -20.50 22.02
N ASP E 133 2.54 -21.37 21.08
CA ASP E 133 1.97 -21.33 19.73
C ASP E 133 0.75 -22.23 19.58
N VAL E 134 0.49 -23.05 20.58
CA VAL E 134 -0.73 -23.83 20.62
C VAL E 134 -1.95 -22.92 20.76
N ALA E 135 -2.71 -22.79 19.68
CA ALA E 135 -3.85 -21.90 19.64
C ALA E 135 -4.71 -22.22 18.43
N ILE E 136 -5.83 -21.51 18.29
CA ILE E 136 -6.61 -21.58 17.07
C ILE E 136 -6.19 -20.43 16.15
N TYR E 137 -5.98 -20.69 14.86
CA TYR E 137 -5.56 -19.67 13.91
C TYR E 137 -6.65 -19.36 12.89
N TYR E 138 -6.95 -18.07 12.71
CA TYR E 138 -7.99 -17.66 11.78
C TYR E 138 -7.44 -16.84 10.63
N CYS E 139 -7.79 -17.22 9.41
CA CYS E 139 -7.51 -16.35 8.28
C CYS E 139 -8.71 -15.45 8.04
N HIS E 140 -8.43 -14.25 7.56
CA HIS E 140 -9.44 -13.22 7.39
C HIS E 140 -9.32 -12.58 6.00
N GLN E 141 -10.39 -12.62 5.22
CA GLN E 141 -10.38 -11.94 3.94
C GLN E 141 -11.04 -10.56 4.08
N TYR E 142 -10.28 -9.51 3.88
CA TYR E 142 -10.84 -8.20 4.12
C TYR E 142 -11.07 -7.36 2.89
N SER E 143 -11.12 -8.00 1.72
CA SER E 143 -11.46 -7.27 0.49
C SER E 143 -12.88 -7.60 0.02
N SER E 144 -13.54 -8.54 0.69
CA SER E 144 -14.90 -8.91 0.37
C SER E 144 -15.89 -8.17 1.28
N HIS E 145 -17.15 -8.06 0.83
CA HIS E 145 -18.18 -7.41 1.63
C HIS E 145 -19.37 -8.34 1.91
N PRO E 146 -19.61 -8.66 3.19
CA PRO E 146 -18.83 -8.20 4.35
C PRO E 146 -17.53 -8.99 4.52
N PRO E 147 -16.62 -8.51 5.38
CA PRO E 147 -15.42 -9.32 5.65
C PRO E 147 -15.80 -10.68 6.23
N THR E 148 -15.00 -11.71 5.93
CA THR E 148 -15.24 -13.05 6.47
C THR E 148 -14.00 -13.67 7.07
N PHE E 149 -14.22 -14.64 7.98
CA PHE E 149 -13.15 -15.39 8.58
C PHE E 149 -13.28 -16.85 8.17
N GLY E 150 -12.18 -17.59 8.26
CA GLY E 150 -12.25 -19.03 8.15
C GLY E 150 -12.78 -19.56 9.47
N HIS E 151 -13.11 -20.85 9.52
CA HIS E 151 -13.59 -21.43 10.76
C HIS E 151 -12.44 -21.82 11.68
N GLY E 152 -11.22 -21.62 11.18
CA GLY E 152 -10.05 -21.76 12.03
C GLY E 152 -9.33 -23.10 11.97
N THR E 153 -8.13 -23.11 12.52
CA THR E 153 -7.31 -24.32 12.55
C THR E 153 -6.67 -24.47 13.92
N ARG E 154 -7.02 -25.56 14.61
CA ARG E 154 -6.43 -25.86 15.90
C ARG E 154 -5.02 -26.43 15.71
N VAL E 155 -4.07 -25.86 16.43
CA VAL E 155 -2.71 -26.38 16.42
C VAL E 155 -2.42 -26.97 17.80
N GLU E 156 -2.29 -28.29 17.86
CA GLU E 156 -2.00 -28.99 19.11
C GLU E 156 -0.58 -29.54 19.07
N LEU E 157 -0.05 -29.96 20.23
CA LEU E 157 1.26 -30.59 20.28
C LEU E 157 1.16 -32.07 19.92
N ARG E 158 2.20 -32.59 19.27
CA ARG E 158 2.25 -33.99 18.91
C ARG E 158 3.01 -34.79 19.96
N ARG E 159 2.49 -35.97 20.31
CA ARG E 159 3.15 -36.85 21.25
C ARG E 159 2.99 -38.29 20.75
N THR E 160 3.59 -39.25 21.46
CA THR E 160 3.41 -40.66 21.12
C THR E 160 1.98 -41.09 21.42
N VAL E 161 1.47 -42.05 20.66
CA VAL E 161 0.12 -42.54 20.86
C VAL E 161 -0.03 -43.11 22.28
N ALA E 162 -1.07 -42.68 22.99
CA ALA E 162 -1.35 -43.19 24.33
C ALA E 162 -2.78 -43.67 24.44
N ALA E 163 -2.95 -44.84 25.04
CA ALA E 163 -4.27 -45.43 25.21
C ALA E 163 -4.95 -44.89 26.46
N PRO E 164 -6.27 -44.74 26.41
CA PRO E 164 -7.02 -44.23 27.56
C PRO E 164 -7.14 -45.27 28.68
N SER E 165 -6.87 -44.86 29.91
CA SER E 165 -7.20 -45.68 31.07
C SER E 165 -8.67 -45.47 31.37
N VAL E 166 -9.49 -46.48 31.11
CA VAL E 166 -10.94 -46.32 31.19
C VAL E 166 -11.52 -46.71 32.54
N PHE E 167 -12.33 -45.82 33.11
CA PHE E 167 -13.01 -46.06 34.37
C PHE E 167 -14.52 -45.87 34.22
N ILE E 168 -15.27 -46.57 35.05
CA ILE E 168 -16.73 -46.55 35.01
C ILE E 168 -17.26 -46.15 36.37
N PHE E 169 -18.30 -45.35 36.40
CA PHE E 169 -18.79 -44.77 37.64
C PHE E 169 -20.28 -44.93 37.80
N PRO E 170 -20.69 -45.73 38.79
CA PRO E 170 -22.12 -45.92 39.07
C PRO E 170 -22.71 -44.66 39.67
N PRO E 171 -24.01 -44.42 39.45
CA PRO E 171 -24.63 -43.23 40.03
C PRO E 171 -24.74 -43.40 41.54
N SER E 172 -24.41 -42.35 42.26
CA SER E 172 -24.47 -42.35 43.71
C SER E 172 -25.86 -42.67 44.23
N ASP E 173 -25.93 -43.23 45.43
CA ASP E 173 -27.22 -43.43 46.06
C ASP E 173 -27.81 -42.08 46.46
N GLU E 174 -26.94 -41.10 46.67
CA GLU E 174 -27.40 -39.78 47.03
C GLU E 174 -28.17 -39.14 45.88
N GLN E 175 -27.78 -39.46 44.65
CA GLN E 175 -28.43 -38.87 43.49
C GLN E 175 -29.78 -39.53 43.18
N LEU E 176 -29.83 -40.84 43.35
CA LEU E 176 -31.05 -41.58 43.08
C LEU E 176 -32.26 -41.05 43.85
N LYS E 177 -32.01 -40.52 45.05
CA LYS E 177 -33.08 -39.93 45.84
C LYS E 177 -33.77 -38.78 45.10
N SER E 178 -33.00 -38.05 44.30
CA SER E 178 -33.51 -36.89 43.57
C SER E 178 -34.42 -37.31 42.40
N GLY E 179 -34.23 -38.54 41.92
CA GLY E 179 -35.07 -39.06 40.87
C GLY E 179 -34.40 -39.30 39.52
N THR E 180 -33.17 -38.83 39.37
CA THR E 180 -32.43 -39.08 38.12
C THR E 180 -31.15 -39.88 38.37
N ALA E 181 -30.67 -40.54 37.33
CA ALA E 181 -29.49 -41.40 37.46
C ALA E 181 -28.43 -41.05 36.44
N SER E 182 -27.26 -40.65 36.91
CA SER E 182 -26.14 -40.33 36.03
C SER E 182 -25.01 -41.36 36.11
N VAL E 183 -24.78 -42.06 35.01
CA VAL E 183 -23.68 -43.00 34.92
C VAL E 183 -22.56 -42.35 34.13
N VAL E 184 -21.36 -42.36 34.69
CA VAL E 184 -20.25 -41.62 34.12
C VAL E 184 -19.14 -42.56 33.69
N CYS E 185 -18.63 -42.33 32.49
CA CYS E 185 -17.51 -43.09 31.96
C CYS E 185 -16.33 -42.12 31.77
N LEU E 186 -15.18 -42.49 32.31
CA LEU E 186 -14.00 -41.65 32.22
C LEU E 186 -12.93 -42.26 31.34
N LEU E 187 -12.44 -41.47 30.38
CA LEU E 187 -11.28 -41.87 29.58
C LEU E 187 -10.12 -40.97 29.98
N ASN E 188 -9.14 -41.52 30.68
CA ASN E 188 -8.07 -40.69 31.22
C ASN E 188 -6.77 -40.72 30.42
N ASN E 189 -6.18 -39.54 30.25
CA ASN E 189 -4.86 -39.35 29.65
C ASN E 189 -4.57 -40.17 28.40
N PHE E 190 -5.22 -39.84 27.30
CA PHE E 190 -4.98 -40.55 26.05
C PHE E 190 -4.52 -39.61 24.94
N TYR E 191 -4.18 -40.20 23.80
CA TYR E 191 -3.77 -39.45 22.62
C TYR E 191 -3.77 -40.37 21.38
N PRO E 192 -4.24 -39.86 20.22
CA PRO E 192 -4.70 -38.50 19.95
C PRO E 192 -6.11 -38.24 20.49
N ARG E 193 -6.63 -37.05 20.24
CA ARG E 193 -7.91 -36.63 20.82
C ARG E 193 -9.09 -37.47 20.33
N GLU E 194 -8.98 -37.98 19.10
CA GLU E 194 -10.07 -38.71 18.48
C GLU E 194 -10.31 -40.02 19.20
N ALA E 195 -11.55 -40.20 19.67
CA ALA E 195 -11.94 -41.40 20.41
C ALA E 195 -13.47 -41.51 20.41
N LYS E 196 -13.99 -42.73 20.52
CA LYS E 196 -15.43 -42.90 20.57
C LYS E 196 -15.92 -43.85 21.69
N VAL E 197 -17.10 -43.54 22.23
CA VAL E 197 -17.64 -44.24 23.40
C VAL E 197 -19.08 -44.68 23.19
N GLN E 198 -19.32 -45.99 23.36
CA GLN E 198 -20.65 -46.55 23.21
C GLN E 198 -21.24 -46.98 24.56
N TRP E 199 -22.49 -46.62 24.78
CA TRP E 199 -23.21 -47.02 25.98
C TRP E 199 -24.17 -48.18 25.71
N LYS E 200 -24.14 -49.19 26.57
CA LYS E 200 -25.05 -50.32 26.47
C LYS E 200 -25.62 -50.76 27.83
N VAL E 201 -26.94 -50.84 27.90
CA VAL E 201 -27.64 -51.26 29.10
C VAL E 201 -28.42 -52.55 28.83
N ASP E 202 -28.05 -53.62 29.54
CA ASP E 202 -28.49 -54.98 29.24
C ASP E 202 -28.17 -55.35 27.79
N ASN E 203 -26.95 -55.00 27.36
CA ASN E 203 -26.44 -55.29 26.02
C ASN E 203 -27.17 -54.55 24.90
N ALA E 204 -28.07 -53.65 25.29
CA ALA E 204 -28.85 -52.88 24.32
C ALA E 204 -28.23 -51.49 24.12
N LEU E 205 -27.86 -51.21 22.88
CA LEU E 205 -27.20 -49.94 22.51
C LEU E 205 -28.07 -48.72 22.81
N GLN E 206 -27.46 -47.71 23.43
CA GLN E 206 -28.14 -46.47 23.75
C GLN E 206 -27.65 -45.35 22.84
N SER E 207 -28.52 -44.38 22.54
CA SER E 207 -28.09 -43.20 21.81
C SER E 207 -28.99 -42.00 22.09
N GLY E 208 -28.41 -40.80 22.04
CA GLY E 208 -29.14 -39.57 22.24
C GLY E 208 -29.55 -39.35 23.68
N ASN E 209 -28.83 -40.01 24.58
CA ASN E 209 -29.09 -39.88 26.01
C ASN E 209 -27.77 -39.77 26.79
N SER E 210 -26.71 -39.40 26.08
CA SER E 210 -25.39 -39.29 26.67
C SER E 210 -24.66 -38.08 26.12
N GLN E 211 -24.26 -37.17 27.02
CA GLN E 211 -23.44 -36.04 26.63
C GLN E 211 -21.96 -36.37 26.86
N GLU E 212 -21.11 -35.90 25.96
CA GLU E 212 -19.67 -36.06 26.10
C GLU E 212 -19.05 -34.70 26.44
N SER E 213 -17.78 -34.72 26.81
CA SER E 213 -17.05 -33.53 27.15
C SER E 213 -15.56 -33.88 27.28
N VAL E 214 -14.71 -33.05 26.69
CA VAL E 214 -13.28 -33.35 26.64
C VAL E 214 -12.43 -32.16 27.05
N THR E 215 -11.34 -32.42 27.76
CA THR E 215 -10.46 -31.38 28.28
C THR E 215 -9.55 -30.78 27.21
N GLU E 216 -8.97 -29.64 27.55
CA GLU E 216 -7.93 -29.04 26.73
C GLU E 216 -6.73 -29.97 26.82
N GLN E 217 -5.85 -29.88 25.82
CA GLN E 217 -4.66 -30.72 25.81
C GLN E 217 -3.84 -30.43 27.06
N ASP E 218 -3.45 -31.50 27.74
CA ASP E 218 -2.79 -31.39 29.02
C ASP E 218 -1.45 -30.66 28.92
N SER E 219 -1.23 -29.71 29.81
CA SER E 219 0.00 -28.91 29.82
C SER E 219 1.22 -29.77 30.18
N LYS E 220 0.99 -30.82 30.95
CA LYS E 220 2.05 -31.65 31.50
C LYS E 220 2.52 -32.71 30.48
N ASP E 221 1.59 -33.54 30.01
CA ASP E 221 1.96 -34.67 29.18
C ASP E 221 1.34 -34.68 27.78
N SER E 222 0.74 -33.55 27.38
CA SER E 222 0.10 -33.41 26.07
C SER E 222 -0.99 -34.44 25.76
N THR E 223 -1.65 -34.96 26.79
CA THR E 223 -2.75 -35.92 26.59
C THR E 223 -4.11 -35.26 26.77
N TYR E 224 -5.16 -35.98 26.36
CA TYR E 224 -6.52 -35.51 26.53
C TYR E 224 -7.26 -36.41 27.51
N SER E 225 -8.35 -35.91 28.08
CA SER E 225 -9.24 -36.78 28.83
C SER E 225 -10.67 -36.52 28.41
N LEU E 226 -11.50 -37.56 28.47
CA LEU E 226 -12.90 -37.44 28.04
C LEU E 226 -13.87 -38.02 29.07
N SER E 227 -15.05 -37.42 29.19
CA SER E 227 -16.10 -37.96 30.05
C SER E 227 -17.38 -38.16 29.26
N SER E 228 -18.02 -39.30 29.46
CA SER E 228 -19.31 -39.52 28.85
C SER E 228 -20.31 -39.72 29.97
N THR E 229 -21.40 -38.96 29.91
CA THR E 229 -22.40 -39.04 30.96
C THR E 229 -23.73 -39.53 30.43
N LEU E 230 -24.09 -40.73 30.85
CA LEU E 230 -25.38 -41.30 30.50
C LEU E 230 -26.39 -40.92 31.57
N THR E 231 -27.51 -40.35 31.15
CA THR E 231 -28.52 -39.93 32.11
C THR E 231 -29.84 -40.67 31.88
N LEU E 232 -30.33 -41.34 32.92
CA LEU E 232 -31.59 -42.07 32.86
C LEU E 232 -32.47 -41.62 34.01
N SER E 233 -33.78 -41.90 33.91
CA SER E 233 -34.68 -41.68 35.03
C SER E 233 -34.39 -42.74 36.09
N LYS E 234 -34.84 -42.52 37.31
CA LYS E 234 -34.66 -43.52 38.36
C LYS E 234 -35.41 -44.80 37.97
N ALA E 235 -36.60 -44.63 37.41
CA ALA E 235 -37.42 -45.74 36.93
C ALA E 235 -36.65 -46.58 35.92
N ASP E 236 -36.09 -45.93 34.91
CA ASP E 236 -35.36 -46.65 33.87
C ASP E 236 -34.08 -47.32 34.38
N TYR E 237 -33.55 -46.81 35.50
CA TYR E 237 -32.32 -47.36 36.06
C TYR E 237 -32.58 -48.60 36.92
N GLU E 238 -33.68 -48.58 37.66
CA GLU E 238 -34.02 -49.67 38.56
C GLU E 238 -34.56 -50.91 37.82
N LYS E 239 -35.02 -50.71 36.59
CA LYS E 239 -35.55 -51.80 35.78
C LYS E 239 -34.47 -52.39 34.87
N HIS E 240 -33.21 -52.11 35.20
CA HIS E 240 -32.09 -52.67 34.47
C HIS E 240 -30.95 -53.05 35.42
N LYS E 241 -30.06 -53.92 34.96
CA LYS E 241 -29.07 -54.53 35.83
C LYS E 241 -27.62 -54.19 35.47
N VAL E 242 -27.22 -54.54 34.24
CA VAL E 242 -25.84 -54.43 33.81
C VAL E 242 -25.60 -53.22 32.93
N TYR E 243 -24.64 -52.39 33.34
CA TYR E 243 -24.33 -51.15 32.65
C TYR E 243 -22.88 -51.17 32.22
N ALA E 244 -22.63 -50.83 30.95
CA ALA E 244 -21.27 -50.85 30.44
C ALA E 244 -21.03 -49.78 29.38
N CYS E 245 -19.82 -49.22 29.40
CA CYS E 245 -19.41 -48.32 28.33
C CYS E 245 -18.27 -48.96 27.55
N GLU E 246 -18.30 -48.82 26.23
CA GLU E 246 -17.31 -49.46 25.37
C GLU E 246 -16.52 -48.40 24.59
N VAL E 247 -15.20 -48.47 24.72
CA VAL E 247 -14.29 -47.46 24.20
C VAL E 247 -13.44 -47.98 23.04
N THR E 248 -13.37 -47.20 21.96
CA THR E 248 -12.42 -47.48 20.87
C THR E 248 -11.43 -46.32 20.71
N HIS E 249 -10.22 -46.65 20.27
CA HIS E 249 -9.14 -45.67 20.16
C HIS E 249 -7.95 -46.28 19.45
N GLN E 250 -7.06 -45.45 18.92
CA GLN E 250 -5.85 -45.92 18.24
C GLN E 250 -4.97 -46.78 19.13
N GLY E 251 -4.81 -46.37 20.39
CA GLY E 251 -3.94 -47.08 21.31
C GLY E 251 -4.53 -48.40 21.77
N LEU E 252 -5.71 -48.73 21.29
CA LEU E 252 -6.38 -49.98 21.67
C LEU E 252 -6.44 -50.95 20.50
N SER E 253 -6.07 -52.20 20.73
CA SER E 253 -6.10 -53.23 19.69
C SER E 253 -7.49 -53.86 19.59
N SER E 254 -8.35 -53.52 20.56
CA SER E 254 -9.73 -54.00 20.59
C SER E 254 -10.53 -53.14 21.58
N PRO E 255 -11.84 -53.00 21.34
CA PRO E 255 -12.73 -52.16 22.17
C PRO E 255 -12.73 -52.56 23.65
N VAL E 256 -12.34 -51.63 24.51
CA VAL E 256 -12.33 -51.87 25.96
C VAL E 256 -13.72 -51.67 26.56
N THR E 257 -14.09 -52.53 27.51
CA THR E 257 -15.37 -52.44 28.19
C THR E 257 -15.18 -52.43 29.70
N LYS E 258 -15.79 -51.45 30.37
CA LYS E 258 -15.90 -51.45 31.82
C LYS E 258 -17.37 -51.48 32.18
N SER E 259 -17.73 -52.25 33.21
CA SER E 259 -19.13 -52.53 33.51
C SER E 259 -19.45 -52.61 35.00
N PHE E 260 -20.73 -52.75 35.33
CA PHE E 260 -21.16 -53.04 36.71
C PHE E 260 -22.58 -53.63 36.85
N ASN E 261 -22.94 -54.06 38.05
CA ASN E 261 -24.31 -54.43 38.37
C ASN E 261 -24.93 -53.55 39.45
N GLN F 22 -0.09 2.45 27.99
CA GLN F 22 -0.30 1.17 27.33
C GLN F 22 -1.56 1.19 26.44
N VAL F 23 -1.40 0.71 25.22
CA VAL F 23 -2.47 0.74 24.22
C VAL F 23 -3.40 -0.44 24.42
N GLN F 24 -4.61 -0.17 24.91
CA GLN F 24 -5.56 -1.22 25.26
C GLN F 24 -7.03 -0.80 25.16
N LEU F 25 -7.90 -1.80 25.12
CA LEU F 25 -9.33 -1.60 25.19
C LEU F 25 -9.84 -2.44 26.36
N VAL F 26 -10.48 -1.82 27.35
CA VAL F 26 -11.05 -2.63 28.42
C VAL F 26 -12.57 -2.63 28.39
N GLN F 27 -13.14 -3.82 28.35
CA GLN F 27 -14.57 -3.98 28.18
C GLN F 27 -15.27 -4.21 29.51
N SER F 28 -16.59 -4.04 29.51
CA SER F 28 -17.40 -4.40 30.66
C SER F 28 -18.84 -4.49 30.21
N GLY F 29 -19.71 -5.03 31.07
CA GLY F 29 -21.13 -5.05 30.79
C GLY F 29 -21.72 -6.41 30.46
N GLY F 30 -20.88 -7.44 30.46
CA GLY F 30 -21.37 -8.79 30.25
C GLY F 30 -22.17 -9.28 31.43
N GLY F 31 -22.71 -10.49 31.33
CA GLY F 31 -23.47 -11.09 32.40
C GLY F 31 -24.47 -12.08 31.87
N VAL F 32 -25.51 -12.35 32.66
CA VAL F 32 -26.58 -13.27 32.29
C VAL F 32 -27.85 -12.46 32.15
N PHE F 33 -28.67 -12.82 31.15
CA PHE F 33 -29.85 -12.04 30.79
C PHE F 33 -31.06 -12.88 30.44
N LYS F 34 -32.25 -12.44 30.84
CA LYS F 34 -33.47 -13.09 30.41
C LYS F 34 -33.70 -12.77 28.94
N PRO F 35 -34.33 -13.67 28.20
CA PRO F 35 -34.58 -13.36 26.78
C PRO F 35 -35.66 -12.30 26.64
N GLY F 36 -35.77 -11.70 25.47
CA GLY F 36 -36.79 -10.70 25.20
C GLY F 36 -36.38 -9.29 25.60
N GLY F 37 -35.40 -9.17 26.48
CA GLY F 37 -34.95 -7.87 26.95
C GLY F 37 -33.85 -7.28 26.09
N SER F 38 -33.00 -6.46 26.69
CA SER F 38 -31.85 -5.90 25.99
C SER F 38 -30.66 -5.65 26.90
N LEU F 39 -29.47 -5.50 26.32
CA LEU F 39 -28.27 -5.21 27.07
C LEU F 39 -27.42 -4.17 26.36
N ARG F 40 -26.53 -3.53 27.10
CA ARG F 40 -25.52 -2.66 26.51
C ARG F 40 -24.13 -3.07 27.01
N LEU F 41 -23.20 -3.21 26.07
CA LEU F 41 -21.82 -3.50 26.43
C LEU F 41 -20.95 -2.26 26.22
N SER F 42 -19.94 -2.10 27.07
CA SER F 42 -19.05 -0.95 26.99
C SER F 42 -17.61 -1.35 26.73
N CYS F 43 -16.87 -0.42 26.12
CA CYS F 43 -15.45 -0.61 25.86
C CYS F 43 -14.75 0.72 26.05
N GLU F 44 -13.68 0.73 26.85
CA GLU F 44 -12.92 1.95 27.12
C GLU F 44 -11.53 1.88 26.49
N ALA F 45 -11.23 2.83 25.62
CA ALA F 45 -9.95 2.90 24.94
C ALA F 45 -8.97 3.81 25.66
N SER F 46 -7.70 3.44 25.63
CA SER F 46 -6.66 4.28 26.17
C SER F 46 -5.34 3.98 25.47
N GLY F 47 -4.42 4.94 25.53
CA GLY F 47 -3.08 4.77 24.97
C GLY F 47 -2.96 5.07 23.49
N PHE F 48 -4.04 5.55 22.88
CA PHE F 48 -3.99 5.91 21.46
C PHE F 48 -5.04 6.96 21.15
N THR F 49 -4.88 7.64 20.03
CA THR F 49 -5.82 8.69 19.69
C THR F 49 -7.11 8.09 19.16
N PHE F 50 -8.11 8.06 20.04
CA PHE F 50 -9.39 7.40 19.77
C PHE F 50 -10.07 7.89 18.47
N THR F 51 -10.15 9.20 18.28
CA THR F 51 -10.90 9.72 17.14
C THR F 51 -10.26 9.43 15.77
N GLU F 52 -9.08 8.81 15.77
CA GLU F 52 -8.45 8.44 14.51
C GLU F 52 -8.87 7.06 13.98
N TYR F 53 -9.69 6.36 14.75
CA TYR F 53 -10.09 5.00 14.37
C TYR F 53 -11.61 4.77 14.32
N TYR F 54 -12.06 4.03 13.31
CA TYR F 54 -13.37 3.42 13.34
C TYR F 54 -13.32 2.27 14.37
N MET F 55 -14.36 2.13 15.19
CA MET F 55 -14.41 1.02 16.14
C MET F 55 -15.44 -0.05 15.73
N THR F 56 -15.21 -1.28 16.16
CA THR F 56 -16.08 -2.40 15.78
C THR F 56 -16.44 -3.34 16.94
N TRP F 57 -17.50 -4.10 16.73
CA TRP F 57 -17.81 -5.23 17.57
C TRP F 57 -17.77 -6.54 16.78
N VAL F 58 -17.19 -7.58 17.39
CA VAL F 58 -17.12 -8.91 16.80
C VAL F 58 -17.52 -9.90 17.89
N ARG F 59 -18.34 -10.88 17.54
CA ARG F 59 -18.76 -11.83 18.54
C ARG F 59 -18.34 -13.25 18.17
N GLN F 60 -18.30 -14.12 19.18
CA GLN F 60 -17.87 -15.48 18.97
C GLN F 60 -18.74 -16.41 19.80
N ALA F 61 -19.57 -17.19 19.14
CA ALA F 61 -20.46 -18.08 19.83
C ALA F 61 -19.66 -19.31 20.29
N PRO F 62 -19.98 -19.83 21.49
CA PRO F 62 -19.28 -21.01 22.04
C PRO F 62 -19.13 -22.12 21.00
N GLY F 63 -17.89 -22.39 20.61
CA GLY F 63 -17.60 -23.40 19.61
C GLY F 63 -17.41 -22.83 18.21
N LYS F 64 -18.31 -21.93 17.81
CA LYS F 64 -18.26 -21.30 16.49
C LYS F 64 -17.05 -20.39 16.27
N GLY F 65 -17.04 -19.67 15.15
CA GLY F 65 -15.94 -18.80 14.81
C GLY F 65 -16.22 -17.34 15.11
N LEU F 66 -15.48 -16.46 14.45
CA LEU F 66 -15.67 -15.02 14.63
C LEU F 66 -16.70 -14.46 13.67
N GLU F 67 -17.56 -13.59 14.18
CA GLU F 67 -18.57 -12.94 13.36
C GLU F 67 -18.49 -11.42 13.57
N TRP F 68 -18.16 -10.69 12.50
CA TRP F 68 -18.18 -9.24 12.57
C TRP F 68 -19.61 -8.73 12.74
N LEU F 69 -19.82 -7.84 13.71
CA LEU F 69 -21.17 -7.33 13.98
C LEU F 69 -21.46 -5.95 13.40
N ALA F 70 -20.55 -5.00 13.66
CA ALA F 70 -20.83 -3.60 13.38
C ALA F 70 -19.56 -2.78 13.36
N TYR F 71 -19.58 -1.68 12.61
CA TYR F 71 -18.55 -0.67 12.79
C TYR F 71 -19.11 0.73 12.95
N ILE F 72 -18.41 1.57 13.70
CA ILE F 72 -18.85 2.95 13.83
C ILE F 72 -17.74 3.91 13.42
N SER F 73 -18.12 4.98 12.71
CA SER F 73 -17.16 5.95 12.21
C SER F 73 -16.48 6.76 13.32
N LYS F 74 -15.46 7.53 12.96
CA LYS F 74 -14.72 8.37 13.90
C LYS F 74 -15.59 9.35 14.69
N ASN F 75 -16.44 10.09 13.98
CA ASN F 75 -17.28 11.06 14.66
C ASN F 75 -18.52 10.45 15.32
N GLY F 76 -18.67 9.14 15.22
CA GLY F 76 -19.75 8.44 15.91
C GLY F 76 -21.11 8.59 15.25
N GLU F 77 -21.13 9.11 14.03
CA GLU F 77 -22.40 9.39 13.36
C GLU F 77 -22.83 8.33 12.36
N TYR F 78 -21.87 7.63 11.77
CA TYR F 78 -22.16 6.64 10.76
C TYR F 78 -21.81 5.24 11.26
N SER F 79 -22.77 4.32 11.17
CA SER F 79 -22.53 2.93 11.56
C SER F 79 -23.06 1.91 10.54
N LYS F 80 -22.38 0.78 10.41
CA LYS F 80 -22.74 -0.25 9.43
C LYS F 80 -22.88 -1.58 10.13
N TYR F 81 -23.84 -2.41 9.72
CA TYR F 81 -24.11 -3.67 10.42
C TYR F 81 -24.02 -4.89 9.53
N SER F 82 -23.83 -6.07 10.12
CA SER F 82 -23.89 -7.30 9.36
C SER F 82 -25.30 -7.47 8.85
N PRO F 83 -25.45 -8.07 7.66
CA PRO F 83 -26.77 -8.25 7.04
C PRO F 83 -27.77 -8.99 7.94
N SER F 84 -27.26 -9.81 8.84
CA SER F 84 -28.13 -10.60 9.70
C SER F 84 -28.58 -9.83 10.95
N SER F 85 -28.14 -8.59 11.09
CA SER F 85 -28.45 -7.79 12.28
C SER F 85 -29.91 -7.35 12.37
N ASN F 86 -30.44 -6.89 11.23
CA ASN F 86 -31.87 -6.56 11.14
C ASN F 86 -32.30 -5.50 12.16
N GLY F 87 -31.41 -4.55 12.43
CA GLY F 87 -31.73 -3.45 13.33
C GLY F 87 -31.63 -3.73 14.83
N ARG F 88 -31.46 -5.00 15.22
CA ARG F 88 -31.38 -5.32 16.64
C ARG F 88 -30.11 -4.74 17.30
N PHE F 89 -29.05 -4.60 16.51
CA PHE F 89 -27.81 -4.11 17.06
C PHE F 89 -27.66 -2.62 16.84
N THR F 90 -27.13 -1.95 17.85
CA THR F 90 -26.77 -0.55 17.73
C THR F 90 -25.39 -0.32 18.32
N ILE F 91 -24.45 0.06 17.47
CA ILE F 91 -23.16 0.48 17.94
C ILE F 91 -23.18 2.01 18.05
N SER F 92 -22.57 2.53 19.11
CA SER F 92 -22.47 3.96 19.33
C SER F 92 -21.14 4.27 20.02
N ARG F 93 -20.76 5.55 20.06
CA ARG F 93 -19.52 5.91 20.76
C ARG F 93 -19.59 7.25 21.46
N ASP F 94 -18.79 7.38 22.50
CA ASP F 94 -18.71 8.63 23.24
C ASP F 94 -17.25 9.08 23.24
N ASN F 95 -16.91 10.00 22.33
CA ASN F 95 -15.52 10.38 22.13
C ASN F 95 -14.89 11.09 23.33
N ALA F 96 -15.69 11.86 24.06
CA ALA F 96 -15.20 12.53 25.25
C ALA F 96 -14.78 11.53 26.31
N LYS F 97 -15.34 10.32 26.26
CA LYS F 97 -15.04 9.29 27.24
C LYS F 97 -14.22 8.16 26.64
N ASN F 98 -13.75 8.35 25.41
CA ASN F 98 -13.01 7.32 24.68
C ASN F 98 -13.66 5.96 24.78
N SER F 99 -14.98 5.92 24.63
CA SER F 99 -15.73 4.67 24.80
C SER F 99 -16.58 4.33 23.59
N VAL F 100 -16.66 3.05 23.27
CA VAL F 100 -17.60 2.54 22.28
C VAL F 100 -18.61 1.64 22.99
N PHE F 101 -19.80 1.50 22.41
CA PHE F 101 -20.87 0.72 23.02
C PHE F 101 -21.60 -0.12 22.00
N LEU F 102 -22.17 -1.22 22.49
CA LEU F 102 -23.03 -2.05 21.65
C LEU F 102 -24.28 -2.35 22.42
N GLN F 103 -25.42 -1.94 21.88
CA GLN F 103 -26.71 -2.29 22.45
C GLN F 103 -27.34 -3.40 21.62
N LEU F 104 -27.97 -4.35 22.29
CA LEU F 104 -28.59 -5.46 21.59
C LEU F 104 -29.98 -5.67 22.11
N ASP F 105 -31.00 -5.48 21.27
CA ASP F 105 -32.38 -5.58 21.70
C ASP F 105 -32.99 -6.95 21.38
N ARG F 106 -34.16 -7.24 21.95
CA ARG F 106 -34.88 -8.48 21.70
C ARG F 106 -34.05 -9.76 21.88
N LEU F 107 -33.23 -9.79 22.94
CA LEU F 107 -32.31 -10.90 23.19
C LEU F 107 -32.95 -12.29 23.12
N SER F 108 -32.22 -13.23 22.54
CA SER F 108 -32.63 -14.64 22.53
C SER F 108 -31.42 -15.52 22.86
N ALA F 109 -31.64 -16.81 22.96
CA ALA F 109 -30.57 -17.72 23.34
C ALA F 109 -29.43 -17.70 22.33
N ASP F 110 -29.75 -17.49 21.05
CA ASP F 110 -28.72 -17.42 19.99
C ASP F 110 -27.73 -16.27 20.20
N ASP F 111 -28.07 -15.33 21.09
CA ASP F 111 -27.19 -14.20 21.34
C ASP F 111 -26.16 -14.52 22.41
N THR F 112 -26.22 -15.75 22.91
CA THR F 112 -25.25 -16.20 23.89
C THR F 112 -23.91 -16.38 23.17
N ALA F 113 -22.91 -15.62 23.62
CA ALA F 113 -21.62 -15.55 22.95
C ALA F 113 -20.64 -14.70 23.76
N VAL F 114 -19.38 -14.72 23.36
CA VAL F 114 -18.43 -13.74 23.89
C VAL F 114 -18.42 -12.58 22.90
N TYR F 115 -18.49 -11.33 23.39
CA TYR F 115 -18.46 -10.17 22.47
C TYR F 115 -17.18 -9.38 22.62
N TYR F 116 -16.51 -9.15 21.49
CA TYR F 116 -15.25 -8.39 21.50
C TYR F 116 -15.38 -6.97 20.93
N CYS F 117 -14.76 -6.03 21.61
CA CYS F 117 -14.56 -4.68 21.13
C CYS F 117 -13.24 -4.69 20.35
N ALA F 118 -13.25 -4.27 19.09
CA ALA F 118 -12.01 -4.27 18.31
C ALA F 118 -11.77 -3.00 17.53
N ARG F 119 -10.53 -2.51 17.55
CA ARG F 119 -10.14 -1.36 16.76
C ARG F 119 -9.91 -1.73 15.29
N ALA F 120 -10.39 -0.88 14.39
CA ALA F 120 -10.27 -1.13 12.96
C ALA F 120 -9.25 -0.21 12.29
N ASP F 121 -8.30 -0.81 11.57
CA ASP F 121 -7.37 -0.05 10.73
C ASP F 121 -7.70 -0.36 9.27
N GLY F 122 -8.00 0.67 8.49
CA GLY F 122 -8.33 0.41 7.11
C GLY F 122 -8.48 1.67 6.30
N LEU F 123 -9.07 1.56 5.13
CA LEU F 123 -9.35 2.74 4.32
C LEU F 123 -10.76 3.20 4.63
N THR F 124 -11.02 4.48 4.39
CA THR F 124 -12.39 4.99 4.38
C THR F 124 -12.67 5.59 3.02
N TYR F 125 -13.90 5.41 2.54
CA TYR F 125 -14.34 6.08 1.33
C TYR F 125 -15.62 6.79 1.68
N PHE F 126 -15.55 8.11 1.78
CA PHE F 126 -16.59 8.89 2.46
C PHE F 126 -16.78 8.31 3.86
N SER F 127 -17.96 7.81 4.22
CA SER F 127 -18.14 7.23 5.55
C SER F 127 -17.95 5.70 5.61
N GLU F 128 -17.79 5.08 4.45
CA GLU F 128 -17.70 3.64 4.34
C GLU F 128 -16.32 3.14 4.75
N LEU F 129 -16.28 2.12 5.61
CA LEU F 129 -15.01 1.50 6.02
C LEU F 129 -14.64 0.36 5.07
N LEU F 130 -13.39 0.32 4.64
CA LEU F 130 -12.95 -0.58 3.58
C LEU F 130 -11.63 -1.18 3.94
N GLN F 131 -11.35 -2.37 3.43
CA GLN F 131 -10.06 -3.01 3.60
C GLN F 131 -9.60 -2.94 5.02
N TYR F 132 -10.38 -3.44 5.97
CA TYR F 132 -9.99 -3.26 7.37
C TYR F 132 -9.60 -4.52 8.12
N ILE F 133 -8.58 -4.37 8.95
CA ILE F 133 -8.11 -5.42 9.82
C ILE F 133 -8.35 -5.01 11.26
N PHE F 134 -8.53 -6.01 12.13
CA PHE F 134 -8.79 -5.76 13.55
C PHE F 134 -7.50 -5.88 14.31
N ASP F 135 -6.82 -4.76 14.55
CA ASP F 135 -5.45 -4.82 15.06
C ASP F 135 -5.35 -4.70 16.58
N LEU F 136 -6.46 -4.44 17.24
CA LEU F 136 -6.46 -4.35 18.69
C LEU F 136 -7.82 -4.82 19.23
N TRP F 137 -7.78 -5.64 20.27
CA TRP F 137 -8.98 -6.29 20.78
C TRP F 137 -9.13 -6.11 22.28
N GLY F 138 -10.37 -5.94 22.72
CA GLY F 138 -10.68 -5.94 24.13
C GLY F 138 -10.54 -7.36 24.65
N GLN F 139 -10.73 -7.55 25.95
CA GLN F 139 -10.54 -8.87 26.52
C GLN F 139 -11.81 -9.72 26.36
N GLY F 140 -12.86 -9.12 25.83
CA GLY F 140 -14.10 -9.82 25.58
C GLY F 140 -15.09 -9.67 26.71
N ALA F 141 -16.38 -9.75 26.40
CA ALA F 141 -17.42 -9.80 27.43
C ALA F 141 -18.31 -11.04 27.24
N ARG F 142 -18.49 -11.84 28.28
CA ARG F 142 -19.34 -13.00 28.16
C ARG F 142 -20.80 -12.63 28.32
N VAL F 143 -21.62 -13.04 27.37
CA VAL F 143 -23.06 -12.85 27.44
C VAL F 143 -23.80 -14.20 27.43
N THR F 144 -24.58 -14.48 28.47
CA THR F 144 -25.44 -15.64 28.46
C THR F 144 -26.90 -15.22 28.49
N VAL F 145 -27.69 -15.74 27.56
CA VAL F 145 -29.12 -15.51 27.59
C VAL F 145 -29.88 -16.81 27.79
N SER F 146 -30.60 -16.90 28.90
CA SER F 146 -31.36 -18.09 29.22
C SER F 146 -32.60 -17.68 30.01
N SER F 147 -33.67 -18.45 29.91
CA SER F 147 -34.83 -18.23 30.73
C SER F 147 -34.59 -18.78 32.14
N ALA F 148 -33.49 -19.52 32.29
CA ALA F 148 -33.12 -20.15 33.56
C ALA F 148 -32.89 -19.15 34.68
N SER F 149 -33.09 -19.59 35.91
CA SER F 149 -32.81 -18.77 37.09
C SER F 149 -31.57 -19.28 37.81
N THR F 150 -30.94 -18.42 38.58
CA THR F 150 -29.75 -18.82 39.32
C THR F 150 -30.05 -19.98 40.23
N LYS F 151 -29.20 -21.01 40.17
CA LYS F 151 -29.39 -22.21 40.97
C LYS F 151 -28.01 -22.75 41.31
N GLY F 152 -27.75 -23.00 42.58
CA GLY F 152 -26.49 -23.60 43.00
C GLY F 152 -26.38 -25.07 42.58
N PRO F 153 -25.15 -25.59 42.51
CA PRO F 153 -25.00 -26.95 42.00
C PRO F 153 -25.34 -28.03 43.02
N SER F 154 -25.78 -29.17 42.51
CA SER F 154 -25.83 -30.38 43.33
C SER F 154 -24.57 -31.15 43.07
N VAL F 155 -23.96 -31.64 44.13
CA VAL F 155 -22.69 -32.33 44.02
C VAL F 155 -22.81 -33.79 44.46
N PHE F 156 -22.57 -34.71 43.51
CA PHE F 156 -22.62 -36.14 43.80
C PHE F 156 -21.27 -36.77 43.62
N PRO F 157 -20.92 -37.70 44.52
CA PRO F 157 -19.61 -38.37 44.45
C PRO F 157 -19.53 -39.35 43.31
N LEU F 158 -18.36 -39.43 42.69
CA LEU F 158 -18.03 -40.52 41.79
C LEU F 158 -17.05 -41.45 42.49
N ALA F 159 -17.59 -42.51 43.08
CA ALA F 159 -16.83 -43.39 43.97
C ALA F 159 -15.97 -44.41 43.23
N PRO F 160 -14.69 -44.51 43.62
CA PRO F 160 -13.73 -45.47 43.04
C PRO F 160 -14.05 -46.93 43.40
N SER F 161 -13.37 -47.85 42.73
CA SER F 161 -13.48 -49.27 43.01
C SER F 161 -12.83 -49.62 44.34
N GLY F 168 -2.74 -51.07 40.78
CA GLY F 168 -2.14 -49.86 40.25
C GLY F 168 -2.67 -48.60 40.92
N THR F 169 -3.20 -47.69 40.10
CA THR F 169 -3.71 -46.42 40.59
C THR F 169 -5.22 -46.32 40.42
N ALA F 170 -5.88 -45.64 41.36
CA ALA F 170 -7.33 -45.53 41.34
C ALA F 170 -7.80 -44.17 40.82
N ALA F 171 -9.07 -44.09 40.43
CA ALA F 171 -9.66 -42.84 39.97
C ALA F 171 -10.98 -42.56 40.68
N LEU F 172 -11.15 -41.32 41.10
CA LEU F 172 -12.36 -40.91 41.80
C LEU F 172 -12.69 -39.50 41.34
N GLY F 173 -13.91 -39.04 41.59
CA GLY F 173 -14.29 -37.72 41.16
C GLY F 173 -15.58 -37.18 41.73
N CYS F 174 -15.99 -36.02 41.22
CA CYS F 174 -17.24 -35.37 41.63
C CYS F 174 -18.10 -35.00 40.44
N LEU F 175 -19.38 -35.33 40.53
CA LEU F 175 -20.31 -34.91 39.51
C LEU F 175 -21.00 -33.62 39.99
N VAL F 176 -20.81 -32.53 39.25
CA VAL F 176 -21.40 -31.25 39.63
C VAL F 176 -22.57 -30.91 38.72
N LYS F 177 -23.78 -31.05 39.24
CA LYS F 177 -24.93 -31.11 38.36
C LYS F 177 -26.01 -30.04 38.61
N ASP F 178 -26.68 -29.62 37.54
CA ASP F 178 -27.89 -28.80 37.60
C ASP F 178 -27.66 -27.44 38.24
N TYR F 179 -26.72 -26.67 37.70
CA TYR F 179 -26.46 -25.35 38.18
C TYR F 179 -26.60 -24.29 37.08
N PHE F 180 -26.81 -23.04 37.49
CA PHE F 180 -26.94 -21.94 36.56
C PHE F 180 -26.67 -20.62 37.26
N PRO F 181 -25.86 -19.76 36.64
CA PRO F 181 -25.16 -20.01 35.39
C PRO F 181 -23.73 -20.49 35.63
N GLU F 182 -22.94 -20.54 34.57
CA GLU F 182 -21.53 -20.79 34.68
C GLU F 182 -20.92 -19.58 35.33
N PRO F 183 -19.75 -19.72 35.96
CA PRO F 183 -18.94 -20.93 36.11
C PRO F 183 -18.97 -21.49 37.51
N VAL F 184 -18.50 -22.71 37.67
CA VAL F 184 -18.12 -23.23 38.97
C VAL F 184 -16.64 -23.50 38.87
N THR F 185 -15.94 -23.43 39.98
CA THR F 185 -14.59 -23.94 39.98
C THR F 185 -14.53 -25.12 40.94
N VAL F 186 -13.75 -26.14 40.60
CA VAL F 186 -13.59 -27.30 41.48
C VAL F 186 -12.15 -27.41 41.97
N SER F 187 -11.98 -27.54 43.28
CA SER F 187 -10.68 -27.86 43.83
C SER F 187 -10.80 -29.10 44.71
N TRP F 188 -9.67 -29.74 44.99
CA TRP F 188 -9.67 -30.98 45.76
C TRP F 188 -8.88 -30.78 47.04
N ASN F 189 -9.42 -31.28 48.15
CA ASN F 189 -8.80 -31.12 49.46
C ASN F 189 -8.37 -29.69 49.75
N SER F 190 -9.32 -28.76 49.61
CA SER F 190 -9.06 -27.33 49.81
C SER F 190 -7.89 -26.82 48.97
N GLY F 191 -7.81 -27.31 47.73
CA GLY F 191 -6.79 -26.86 46.80
C GLY F 191 -5.41 -27.42 47.08
N ALA F 192 -5.32 -28.36 48.02
CA ALA F 192 -4.03 -28.95 48.38
C ALA F 192 -3.69 -30.12 47.46
N LEU F 193 -4.68 -30.58 46.70
CA LEU F 193 -4.49 -31.67 45.75
C LEU F 193 -4.71 -31.14 44.35
N THR F 194 -3.67 -31.22 43.52
CA THR F 194 -3.71 -30.64 42.18
C THR F 194 -3.19 -31.60 41.12
N SER F 195 -2.30 -32.49 41.53
CA SER F 195 -1.69 -33.44 40.60
C SER F 195 -2.69 -34.40 40.01
N GLY F 196 -2.81 -34.41 38.69
CA GLY F 196 -3.67 -35.35 37.99
C GLY F 196 -5.15 -35.11 38.18
N VAL F 197 -5.53 -33.86 38.45
CA VAL F 197 -6.91 -33.46 38.54
C VAL F 197 -7.36 -33.04 37.14
N HIS F 198 -8.54 -33.50 36.73
CA HIS F 198 -9.10 -33.08 35.47
C HIS F 198 -10.53 -32.63 35.67
N THR F 199 -10.77 -31.32 35.57
CA THR F 199 -12.11 -30.78 35.63
C THR F 199 -12.57 -30.52 34.20
N PHE F 200 -13.69 -31.11 33.82
CA PHE F 200 -14.15 -31.06 32.45
C PHE F 200 -14.92 -29.79 32.14
N PRO F 201 -15.03 -29.44 30.85
CA PRO F 201 -15.87 -28.30 30.47
C PRO F 201 -17.34 -28.57 30.77
N ALA F 202 -18.08 -27.55 31.18
CA ALA F 202 -19.50 -27.71 31.45
C ALA F 202 -20.30 -27.92 30.17
N VAL F 203 -21.38 -28.70 30.27
CA VAL F 203 -22.31 -28.85 29.15
C VAL F 203 -23.70 -28.37 29.54
N LEU F 204 -24.36 -27.68 28.61
CA LEU F 204 -25.69 -27.18 28.87
C LEU F 204 -26.68 -28.29 28.62
N GLN F 205 -27.32 -28.76 29.68
CA GLN F 205 -28.33 -29.79 29.55
C GLN F 205 -29.62 -29.22 28.95
N SER F 206 -30.47 -30.12 28.48
CA SER F 206 -31.73 -29.74 27.85
C SER F 206 -32.64 -29.00 28.84
N SER F 207 -32.42 -29.23 30.13
CA SER F 207 -33.20 -28.56 31.18
C SER F 207 -32.80 -27.10 31.32
N GLY F 208 -31.73 -26.70 30.65
CA GLY F 208 -31.28 -25.33 30.74
C GLY F 208 -30.30 -25.13 31.89
N LEU F 209 -29.95 -26.21 32.58
CA LEU F 209 -28.95 -26.12 33.63
C LEU F 209 -27.61 -26.69 33.16
N TYR F 210 -26.51 -26.26 33.76
CA TYR F 210 -25.19 -26.77 33.38
C TYR F 210 -24.76 -27.94 34.24
N SER F 211 -23.73 -28.65 33.78
CA SER F 211 -23.23 -29.81 34.50
C SER F 211 -21.84 -30.18 34.03
N LEU F 212 -20.98 -30.58 34.96
CA LEU F 212 -19.66 -31.12 34.63
C LEU F 212 -19.19 -32.13 35.67
N SER F 213 -18.07 -32.78 35.37
CA SER F 213 -17.42 -33.65 36.32
C SER F 213 -16.01 -33.15 36.59
N SER F 214 -15.49 -33.50 37.75
CA SER F 214 -14.08 -33.28 38.02
C SER F 214 -13.52 -34.60 38.55
N VAL F 215 -12.53 -35.16 37.86
CA VAL F 215 -11.94 -36.42 38.32
C VAL F 215 -10.49 -36.22 38.74
N VAL F 216 -9.96 -37.21 39.45
CA VAL F 216 -8.56 -37.18 39.86
C VAL F 216 -8.13 -38.61 40.04
N THR F 217 -6.91 -38.92 39.62
CA THR F 217 -6.39 -40.27 39.79
C THR F 217 -5.31 -40.31 40.87
N VAL F 218 -5.45 -41.26 41.79
CA VAL F 218 -4.54 -41.36 42.94
C VAL F 218 -4.06 -42.79 43.11
N PRO F 219 -3.00 -42.98 43.92
CA PRO F 219 -2.58 -44.34 44.29
C PRO F 219 -3.69 -45.11 45.00
N SER F 220 -3.93 -46.35 44.59
CA SER F 220 -4.93 -47.19 45.23
C SER F 220 -4.61 -47.48 46.70
N SER F 221 -3.32 -47.52 47.01
CA SER F 221 -2.87 -47.80 48.37
C SER F 221 -3.31 -46.74 49.37
N SER F 222 -3.30 -45.49 48.93
CA SER F 222 -3.63 -44.37 49.82
C SER F 222 -5.12 -44.11 49.94
N LEU F 223 -5.94 -45.06 49.48
CA LEU F 223 -7.39 -44.90 49.54
C LEU F 223 -7.93 -44.86 50.97
N GLY F 224 -7.47 -45.79 51.80
CA GLY F 224 -7.96 -45.87 53.16
C GLY F 224 -7.09 -45.14 54.16
N THR F 225 -6.14 -44.34 53.68
CA THR F 225 -5.25 -43.59 54.56
C THR F 225 -5.38 -42.09 54.32
N GLN F 226 -5.97 -41.74 53.18
CA GLN F 226 -6.13 -40.34 52.80
C GLN F 226 -7.57 -40.03 52.41
N THR F 227 -8.13 -38.98 53.00
CA THR F 227 -9.51 -38.61 52.71
C THR F 227 -9.56 -37.61 51.54
N TYR F 228 -10.49 -37.84 50.61
CA TYR F 228 -10.62 -36.98 49.45
C TYR F 228 -11.94 -36.20 49.44
N ILE F 229 -11.83 -34.88 49.50
CA ILE F 229 -12.99 -34.01 49.43
C ILE F 229 -12.86 -33.08 48.24
N CYS F 230 -13.84 -33.11 47.34
CA CYS F 230 -13.87 -32.09 46.31
C CYS F 230 -14.61 -30.85 46.82
N ASN F 231 -14.12 -29.68 46.40
CA ASN F 231 -14.70 -28.41 46.81
C ASN F 231 -15.23 -27.67 45.60
N VAL F 232 -16.51 -27.34 45.64
CA VAL F 232 -17.17 -26.75 44.50
C VAL F 232 -17.60 -25.33 44.83
N ASN F 233 -17.04 -24.35 44.13
CA ASN F 233 -17.36 -22.95 44.40
C ASN F 233 -18.30 -22.40 43.32
N HIS F 234 -19.46 -21.90 43.71
CA HIS F 234 -20.37 -21.32 42.71
C HIS F 234 -20.65 -19.84 42.99
N LYS F 235 -19.77 -18.96 42.53
CA LYS F 235 -19.90 -17.52 42.82
C LYS F 235 -21.28 -16.92 42.51
N PRO F 236 -21.86 -17.22 41.32
CA PRO F 236 -23.16 -16.63 40.99
C PRO F 236 -24.27 -16.83 42.03
N SER F 237 -24.20 -17.90 42.81
CA SER F 237 -25.20 -18.12 43.84
C SER F 237 -24.62 -18.00 45.24
N ASN F 238 -23.38 -17.55 45.34
CA ASN F 238 -22.70 -17.35 46.61
C ASN F 238 -22.61 -18.60 47.49
N THR F 239 -22.43 -19.74 46.87
CA THR F 239 -22.43 -20.99 47.62
C THR F 239 -21.13 -21.74 47.42
N LYS F 240 -20.82 -22.60 48.37
CA LYS F 240 -19.70 -23.52 48.23
C LYS F 240 -20.15 -24.87 48.74
N VAL F 241 -19.88 -25.94 48.00
CA VAL F 241 -20.27 -27.26 48.43
C VAL F 241 -19.06 -28.16 48.54
N ASP F 242 -18.91 -28.84 49.68
CA ASP F 242 -17.86 -29.84 49.85
C ASP F 242 -18.47 -31.23 49.80
N LYS F 243 -17.77 -32.17 49.18
CA LYS F 243 -18.26 -33.54 49.14
C LYS F 243 -17.14 -34.51 49.44
N ARG F 244 -17.31 -35.31 50.47
CA ARG F 244 -16.35 -36.35 50.78
C ARG F 244 -16.54 -37.49 49.78
N VAL F 245 -15.45 -38.02 49.23
CA VAL F 245 -15.57 -39.11 48.28
C VAL F 245 -14.86 -40.34 48.79
N GLU F 246 -15.62 -41.40 49.04
CA GLU F 246 -15.08 -42.67 49.52
C GLU F 246 -15.69 -43.79 48.69
N PRO F 247 -15.03 -44.97 48.64
CA PRO F 247 -15.55 -46.11 47.89
C PRO F 247 -16.79 -46.76 48.51
#